data_5I51
#
_entry.id   5I51
#
_cell.length_a   100.828
_cell.length_b   183.248
_cell.length_c   98.749
_cell.angle_alpha   90.000
_cell.angle_beta   90.000
_cell.angle_gamma   90.000
#
_symmetry.space_group_name_H-M   'C 2 2 21'
#
loop_
_entity.id
_entity.type
_entity.pdbx_description
1 polymer Transketolase
2 non-polymer 'THIAMINE DIPHOSPHATE'
3 non-polymer 'FRUCTOSE -6-PHOSPHATE'
4 non-polymer 'CALCIUM ION'
5 non-polymer DI(HYDROXYETHYL)ETHER
6 water water
#
_entity_poly.entity_id   1
_entity_poly.type   'polypeptide(L)'
_entity_poly.pdbx_seq_one_letter_code
;MGSSHHHHHHSSGLVPRGSHMSSVDQKAISTIRLLAVDAVAAANSGHPGAPLGLAPAAHAVFKKMRFNPKDTKWINRDRF
VLSNGHACALLYSMLVLYGYDLTVEDLKKFRQLGSKTPGHPENTDVPGAEVTTGPLGQGICNGVGIALAQAQFAATYNKP
DFPISDSYTYVFLGDGCLMEGVSSEASSLAGHLQLGNLIAFWDDNKISIDGSTEVAFTEDVIARYKSYGWHIVEVSDADT
DITAIAAAIDEAKKVTNKPTLVRLTTTIGFGSLAQGTHGVHGAPLKADDIKQLKTKWGFNPEESFAVPAEVTASYNEHVA
ENQKIQQQWNELFAAYKQKYPELGAELQRRLDGKLPENWDKALPVYTPADAAVATLKLSEIVLSKIIPEVPEIIGGSADL
TPSNLTKAKGTVDFQPAATGLGDYSGRYIRYGVREHAMGAIMNGIAAFGANYKNYGGTFLNFVSYAAGAVRLSALSEFPI
TWVATHDSIGLGEDGPTHQPIETLAHFRATPNISVWRPADGNETSAAYKSAIESTHTPHILALTRQNLPQLEGSSIEKAS
KGGYTLVQQDKADIIIVATGSEVSLAVDALKVLEGQGIKAGVVSLPDQLTFDKQSEEYKLSVLPDGVPILSVEVMSTFGW
SKYSHQQFGLNRFGASGKAPEIFKLFEFTPEGVAERAAKTVAFYKGKDVVSPLRSAF
;
_entity_poly.pdbx_strand_id   A
#
loop_
_chem_comp.id
_chem_comp.type
_chem_comp.name
_chem_comp.formula
CA non-polymer 'CALCIUM ION' 'Ca 2'
F6R non-polymer 'FRUCTOSE -6-PHOSPHATE' 'C6 H13 O9 P'
PEG non-polymer DI(HYDROXYETHYL)ETHER 'C4 H10 O3'
TPP non-polymer 'THIAMINE DIPHOSPHATE' 'C12 H19 N4 O7 P2 S 1'
#
# COMPACT_ATOMS: atom_id res chain seq x y z
N SER A 22 -29.51 -25.20 18.70
CA SER A 22 -30.61 -25.46 17.77
C SER A 22 -30.84 -24.31 16.79
N SER A 23 -30.30 -23.13 17.10
N SER A 23 -30.29 -23.14 17.11
CA SER A 23 -30.51 -21.99 16.24
CA SER A 23 -30.43 -21.97 16.27
C SER A 23 -29.62 -22.11 14.99
C SER A 23 -29.63 -22.15 14.97
N VAL A 24 -30.08 -21.47 13.92
CA VAL A 24 -29.30 -21.44 12.69
C VAL A 24 -28.02 -20.63 12.92
N ASP A 25 -28.06 -19.64 13.81
CA ASP A 25 -26.83 -18.92 14.14
C ASP A 25 -25.78 -19.85 14.71
N GLN A 26 -26.18 -20.72 15.65
CA GLN A 26 -25.24 -21.67 16.21
C GLN A 26 -24.70 -22.59 15.12
N LYS A 27 -25.58 -23.06 14.24
CA LYS A 27 -25.17 -23.95 13.17
C LYS A 27 -24.20 -23.26 12.21
N ALA A 28 -24.45 -21.98 11.90
CA ALA A 28 -23.53 -21.23 11.03
C ALA A 28 -22.15 -21.12 11.67
N ILE A 29 -22.10 -20.78 12.95
CA ILE A 29 -20.82 -20.66 13.64
C ILE A 29 -20.07 -22.00 13.60
N SER A 30 -20.77 -23.11 13.89
CA SER A 30 -20.14 -24.42 13.78
C SER A 30 -19.66 -24.69 12.36
N THR A 31 -20.47 -24.34 11.35
CA THR A 31 -20.08 -24.57 9.97
C THR A 31 -18.79 -23.82 9.67
N ILE A 32 -18.72 -22.55 10.07
CA ILE A 32 -17.54 -21.72 9.82
C ILE A 32 -16.32 -22.37 10.45
N ARG A 33 -16.46 -22.73 11.73
CA ARG A 33 -15.37 -23.33 12.49
C ARG A 33 -14.85 -24.59 11.81
N LEU A 34 -15.78 -25.45 11.36
CA LEU A 34 -15.37 -26.72 10.77
C LEU A 34 -14.85 -26.57 9.35
N LEU A 35 -15.37 -25.62 8.57
CA LEU A 35 -14.77 -25.34 7.27
C LEU A 35 -13.32 -24.92 7.45
N ALA A 36 -13.06 -24.07 8.43
CA ALA A 36 -11.71 -23.55 8.63
C ALA A 36 -10.76 -24.68 9.04
N VAL A 37 -11.19 -25.49 9.99
CA VAL A 37 -10.41 -26.63 10.46
C VAL A 37 -10.18 -27.62 9.34
N ASP A 38 -11.21 -27.90 8.51
CA ASP A 38 -11.02 -28.84 7.44
C ASP A 38 -10.09 -28.31 6.37
N ALA A 39 -10.13 -26.99 6.12
CA ALA A 39 -9.21 -26.40 5.16
C ALA A 39 -7.78 -26.60 5.61
N VAL A 40 -7.50 -26.29 6.88
CA VAL A 40 -6.17 -26.48 7.45
C VAL A 40 -5.78 -27.95 7.38
N ALA A 41 -6.74 -28.84 7.65
CA ALA A 41 -6.46 -30.27 7.63
C ALA A 41 -6.10 -30.75 6.23
N ALA A 42 -6.81 -30.26 5.21
CA ALA A 42 -6.53 -30.65 3.83
C ALA A 42 -5.13 -30.24 3.40
N ALA A 43 -4.73 -29.04 3.79
CA ALA A 43 -3.40 -28.55 3.47
C ALA A 43 -2.32 -29.17 4.34
N ASN A 44 -2.70 -29.72 5.50
CA ASN A 44 -1.78 -30.09 6.54
C ASN A 44 -0.85 -28.93 6.84
N SER A 45 -1.42 -27.73 6.82
CA SER A 45 -0.66 -26.50 7.03
C SER A 45 -1.64 -25.40 7.38
N GLY A 46 -1.28 -24.51 8.30
CA GLY A 46 -2.09 -23.34 8.58
C GLY A 46 -2.53 -23.24 10.03
N HIS A 47 -3.48 -22.32 10.26
CA HIS A 47 -3.75 -21.78 11.58
C HIS A 47 -5.20 -21.98 11.97
N PRO A 48 -5.51 -22.96 12.79
CA PRO A 48 -6.91 -23.21 13.15
C PRO A 48 -7.39 -22.48 14.38
N GLY A 49 -6.44 -22.02 15.22
CA GLY A 49 -6.82 -21.50 16.52
C GLY A 49 -7.69 -20.24 16.48
N ALA A 50 -7.20 -19.21 15.83
CA ALA A 50 -7.94 -17.95 15.80
C ALA A 50 -9.24 -18.10 15.00
N PRO A 51 -9.28 -18.86 13.89
CA PRO A 51 -10.58 -19.11 13.24
C PRO A 51 -11.59 -19.71 14.20
N LEU A 52 -11.18 -20.70 15.00
CA LEU A 52 -12.12 -21.27 15.95
C LEU A 52 -12.59 -20.24 16.99
N GLY A 53 -11.68 -19.38 17.45
CA GLY A 53 -12.04 -18.41 18.47
C GLY A 53 -12.84 -17.24 17.95
N LEU A 54 -12.66 -16.88 16.68
CA LEU A 54 -13.31 -15.70 16.12
C LEU A 54 -14.53 -16.01 15.27
N ALA A 55 -14.91 -17.29 15.07
CA ALA A 55 -16.09 -17.58 14.26
C ALA A 55 -17.35 -16.92 14.79
N PRO A 56 -17.62 -16.89 16.11
CA PRO A 56 -18.83 -16.18 16.58
C PRO A 56 -18.82 -14.73 16.19
N ALA A 57 -17.69 -14.06 16.38
CA ALA A 57 -17.61 -12.64 16.03
C ALA A 57 -17.70 -12.42 14.53
N ALA A 58 -17.07 -13.28 13.74
CA ALA A 58 -17.16 -13.15 12.29
C ALA A 58 -18.62 -13.28 11.83
N HIS A 59 -19.32 -14.26 12.38
CA HIS A 59 -20.72 -14.42 12.03
C HIS A 59 -21.53 -13.18 12.37
N ALA A 60 -21.35 -12.64 13.57
CA ALA A 60 -22.09 -11.45 14.00
C ALA A 60 -21.74 -10.25 13.15
N VAL A 61 -20.46 -10.06 12.86
CA VAL A 61 -20.03 -8.87 12.10
C VAL A 61 -20.54 -8.93 10.66
N PHE A 62 -20.40 -10.07 9.99
CA PHE A 62 -20.85 -10.13 8.61
C PHE A 62 -22.37 -9.97 8.53
N LYS A 63 -23.10 -10.41 9.56
CA LYS A 63 -24.56 -10.19 9.55
C LYS A 63 -24.92 -8.71 9.66
N LYS A 64 -24.09 -7.88 10.28
CA LYS A 64 -24.31 -6.44 10.35
C LYS A 64 -23.76 -5.71 9.13
N MET A 65 -22.87 -6.33 8.36
CA MET A 65 -22.23 -5.66 7.25
C MET A 65 -23.13 -5.62 6.02
N ARG A 66 -23.00 -4.53 5.26
N ARG A 66 -23.01 -4.52 5.26
CA ARG A 66 -23.59 -4.41 3.93
CA ARG A 66 -23.59 -4.41 3.93
C ARG A 66 -22.54 -4.66 2.86
C ARG A 66 -22.52 -4.70 2.88
N PHE A 67 -22.81 -5.63 1.98
CA PHE A 67 -21.88 -6.05 0.93
C PHE A 67 -22.67 -6.82 -0.12
N ASN A 68 -22.12 -6.86 -1.31
CA ASN A 68 -22.67 -7.64 -2.41
C ASN A 68 -21.63 -8.62 -2.89
N PRO A 69 -21.78 -9.92 -2.61
CA PRO A 69 -20.79 -10.88 -3.14
C PRO A 69 -20.68 -10.86 -4.65
N LYS A 70 -21.70 -10.36 -5.36
CA LYS A 70 -21.69 -10.26 -6.81
C LYS A 70 -21.21 -8.90 -7.30
N ASP A 71 -20.88 -7.97 -6.39
CA ASP A 71 -20.26 -6.71 -6.79
C ASP A 71 -19.30 -6.28 -5.67
N THR A 72 -18.08 -6.83 -5.72
CA THR A 72 -17.09 -6.56 -4.71
C THR A 72 -16.59 -5.12 -4.74
N LYS A 73 -16.99 -4.33 -5.75
CA LYS A 73 -16.55 -2.95 -5.89
C LYS A 73 -17.58 -1.92 -5.49
N TRP A 74 -18.76 -2.35 -5.04
CA TRP A 74 -19.78 -1.39 -4.61
C TRP A 74 -19.22 -0.39 -3.63
N ILE A 75 -19.26 0.91 -3.98
CA ILE A 75 -18.43 1.86 -3.23
C ILE A 75 -18.96 2.15 -1.83
N ASN A 76 -20.23 1.86 -1.55
CA ASN A 76 -20.81 2.06 -0.23
C ASN A 76 -20.92 0.78 0.56
N ARG A 77 -20.17 -0.26 0.19
CA ARG A 77 -20.10 -1.46 1.02
C ARG A 77 -19.41 -1.13 2.35
N ASP A 78 -19.81 -1.82 3.42
CA ASP A 78 -18.92 -1.90 4.57
C ASP A 78 -17.71 -2.71 4.18
N ARG A 79 -16.55 -2.37 4.74
CA ARG A 79 -15.33 -3.13 4.49
C ARG A 79 -14.94 -3.92 5.72
N PHE A 80 -14.42 -5.12 5.48
CA PHE A 80 -13.87 -5.99 6.51
C PHE A 80 -12.40 -6.22 6.23
N VAL A 81 -11.58 -6.14 7.27
CA VAL A 81 -10.14 -6.40 7.18
C VAL A 81 -9.72 -7.38 8.27
N LEU A 82 -9.10 -8.48 7.84
CA LEU A 82 -8.50 -9.46 8.74
C LEU A 82 -7.03 -9.11 8.94
N SER A 83 -6.75 -8.32 9.99
CA SER A 83 -5.36 -7.92 10.24
C SER A 83 -4.53 -9.09 10.75
N ASN A 84 -5.14 -9.98 11.52
CA ASN A 84 -4.50 -11.22 11.94
C ASN A 84 -4.65 -12.23 10.80
N GLY A 85 -3.91 -11.98 9.71
CA GLY A 85 -4.19 -12.62 8.45
C GLY A 85 -3.91 -14.11 8.41
N HIS A 86 -3.10 -14.60 9.33
CA HIS A 86 -2.89 -16.03 9.46
C HIS A 86 -4.21 -16.75 9.70
N ALA A 87 -5.21 -16.05 10.22
CA ALA A 87 -6.53 -16.62 10.47
C ALA A 87 -7.39 -16.69 9.23
N CYS A 88 -6.80 -16.57 8.04
CA CYS A 88 -7.58 -16.43 6.82
C CYS A 88 -8.48 -17.61 6.47
N ALA A 89 -8.28 -18.82 7.02
CA ALA A 89 -9.29 -19.86 6.76
C ALA A 89 -10.68 -19.40 7.24
N LEU A 90 -10.71 -18.56 8.28
CA LEU A 90 -11.96 -17.94 8.73
C LEU A 90 -12.54 -17.03 7.66
N LEU A 91 -11.71 -16.10 7.14
CA LEU A 91 -12.20 -15.20 6.10
C LEU A 91 -12.70 -15.98 4.89
N TYR A 92 -11.90 -16.94 4.41
CA TYR A 92 -12.31 -17.69 3.24
C TYR A 92 -13.62 -18.43 3.47
N SER A 93 -13.82 -18.98 4.67
CA SER A 93 -15.07 -19.66 4.99
C SER A 93 -16.25 -18.70 4.92
N MET A 94 -16.10 -17.48 5.42
CA MET A 94 -17.17 -16.48 5.30
C MET A 94 -17.47 -16.17 3.84
N LEU A 95 -16.43 -15.99 3.02
CA LEU A 95 -16.63 -15.58 1.63
C LEU A 95 -17.32 -16.70 0.85
N VAL A 96 -16.96 -17.94 1.15
CA VAL A 96 -17.61 -19.08 0.50
C VAL A 96 -19.07 -19.15 0.90
N LEU A 97 -19.33 -19.05 2.20
CA LEU A 97 -20.70 -19.21 2.69
C LEU A 97 -21.61 -18.11 2.15
N TYR A 98 -21.08 -16.90 1.91
CA TYR A 98 -21.86 -15.81 1.38
C TYR A 98 -21.92 -15.77 -0.15
N GLY A 99 -21.30 -16.72 -0.84
CA GLY A 99 -21.40 -16.79 -2.30
C GLY A 99 -20.57 -15.80 -3.08
N TYR A 100 -19.47 -15.33 -2.51
CA TYR A 100 -18.45 -14.68 -3.31
C TYR A 100 -17.94 -15.70 -4.35
N ASP A 101 -17.08 -15.22 -5.25
CA ASP A 101 -16.47 -16.03 -6.30
C ASP A 101 -15.34 -16.89 -5.71
N LEU A 102 -15.75 -17.74 -4.80
CA LEU A 102 -14.86 -18.58 -4.00
C LEU A 102 -15.73 -19.74 -3.54
N THR A 103 -15.30 -20.95 -3.79
CA THR A 103 -16.11 -22.12 -3.56
C THR A 103 -15.53 -23.07 -2.52
N VAL A 104 -16.33 -24.06 -2.13
CA VAL A 104 -15.83 -25.13 -1.30
C VAL A 104 -14.62 -25.83 -1.94
N GLU A 105 -14.65 -26.01 -3.27
CA GLU A 105 -13.49 -26.60 -3.95
C GLU A 105 -12.24 -25.75 -3.78
N ASP A 106 -12.39 -24.42 -3.78
CA ASP A 106 -11.25 -23.54 -3.49
C ASP A 106 -10.76 -23.74 -2.06
N LEU A 107 -11.68 -23.92 -1.09
CA LEU A 107 -11.25 -24.17 0.29
C LEU A 107 -10.46 -25.46 0.41
N LYS A 108 -10.82 -26.46 -0.39
CA LYS A 108 -10.11 -27.73 -0.35
C LYS A 108 -8.70 -27.60 -0.88
N LYS A 109 -8.42 -26.50 -1.61
CA LYS A 109 -7.11 -26.17 -2.15
C LYS A 109 -6.41 -25.08 -1.34
N PHE A 110 -6.81 -24.90 -0.09
CA PHE A 110 -6.15 -23.97 0.81
C PHE A 110 -4.67 -24.22 0.81
N ARG A 111 -3.89 -23.14 0.67
CA ARG A 111 -2.44 -23.16 0.75
C ARG A 111 -1.79 -23.98 -0.37
N GLN A 112 -2.48 -24.26 -1.47
CA GLN A 112 -1.93 -25.03 -2.59
C GLN A 112 -1.59 -24.14 -3.77
N LEU A 113 -0.51 -24.50 -4.48
CA LEU A 113 0.02 -23.68 -5.55
C LEU A 113 -1.05 -23.38 -6.59
N GLY A 114 -1.26 -22.10 -6.81
CA GLY A 114 -2.19 -21.60 -7.80
C GLY A 114 -3.62 -21.46 -7.32
N SER A 115 -3.89 -21.73 -6.04
CA SER A 115 -5.27 -21.64 -5.59
C SER A 115 -5.67 -20.19 -5.27
N LYS A 116 -6.99 -19.98 -5.15
CA LYS A 116 -7.56 -18.72 -4.71
C LYS A 116 -7.67 -18.61 -3.18
N THR A 117 -7.02 -19.53 -2.45
CA THR A 117 -7.07 -19.57 -0.99
C THR A 117 -5.64 -19.67 -0.46
N PRO A 118 -4.82 -18.67 -0.73
CA PRO A 118 -3.43 -18.69 -0.24
C PRO A 118 -3.34 -18.59 1.27
N GLY A 119 -2.18 -18.98 1.80
CA GLY A 119 -2.01 -19.08 3.24
C GLY A 119 -2.14 -17.78 4.03
N HIS A 120 -2.01 -16.63 3.36
CA HIS A 120 -2.40 -15.33 3.88
C HIS A 120 -3.16 -14.63 2.78
N PRO A 121 -4.16 -13.81 3.14
CA PRO A 121 -5.06 -13.30 2.11
C PRO A 121 -4.40 -12.26 1.23
N GLU A 122 -4.71 -12.34 -0.05
CA GLU A 122 -4.12 -11.47 -1.09
C GLU A 122 -5.25 -10.79 -1.84
N ASN A 123 -5.25 -9.44 -1.87
CA ASN A 123 -6.34 -8.74 -2.57
C ASN A 123 -6.30 -9.01 -4.05
N THR A 124 -5.15 -9.38 -4.61
CA THR A 124 -5.03 -9.63 -6.04
C THR A 124 -5.62 -10.97 -6.44
N ASP A 125 -5.78 -11.91 -5.50
CA ASP A 125 -6.16 -13.28 -5.80
C ASP A 125 -7.48 -13.71 -5.19
N VAL A 126 -7.93 -13.06 -4.12
CA VAL A 126 -9.04 -13.55 -3.32
C VAL A 126 -10.19 -12.58 -3.48
N PRO A 127 -11.30 -12.96 -4.11
N PRO A 127 -11.33 -12.99 -4.04
CA PRO A 127 -12.47 -12.09 -4.14
CA PRO A 127 -12.48 -12.07 -4.13
C PRO A 127 -12.97 -11.79 -2.73
C PRO A 127 -13.02 -11.78 -2.74
N GLY A 128 -13.16 -10.50 -2.42
CA GLY A 128 -13.61 -10.08 -1.10
C GLY A 128 -12.50 -9.81 -0.11
N ALA A 129 -11.25 -9.99 -0.51
CA ALA A 129 -10.12 -9.55 0.31
C ALA A 129 -9.75 -8.13 -0.07
N GLU A 130 -9.99 -7.18 0.83
CA GLU A 130 -9.81 -5.77 0.51
C GLU A 130 -8.35 -5.39 0.37
N VAL A 131 -7.48 -6.06 1.13
CA VAL A 131 -6.06 -5.76 1.28
C VAL A 131 -5.34 -7.08 1.43
N THR A 132 -4.01 -7.04 1.35
CA THR A 132 -3.16 -8.20 1.58
C THR A 132 -2.64 -8.12 3.01
N THR A 133 -3.00 -9.10 3.84
CA THR A 133 -2.58 -9.08 5.24
C THR A 133 -1.85 -10.35 5.60
N GLY A 134 -1.41 -10.42 6.85
CA GLY A 134 -0.55 -11.49 7.29
C GLY A 134 0.63 -10.93 8.06
N PRO A 135 1.44 -10.09 7.41
CA PRO A 135 2.45 -9.33 8.17
C PRO A 135 1.74 -8.51 9.22
N LEU A 136 2.08 -8.78 10.47
CA LEU A 136 1.25 -8.32 11.58
C LEU A 136 1.29 -6.79 11.71
N GLY A 137 0.17 -6.24 12.14
CA GLY A 137 0.00 -4.83 12.28
C GLY A 137 -0.53 -4.13 11.06
N GLN A 138 -0.37 -4.72 9.87
CA GLN A 138 -0.69 -3.98 8.65
C GLN A 138 -2.17 -3.76 8.50
N GLY A 139 -2.98 -4.82 8.69
CA GLY A 139 -4.40 -4.72 8.40
C GLY A 139 -5.12 -3.63 9.18
N ILE A 140 -4.83 -3.49 10.48
CA ILE A 140 -5.51 -2.45 11.26
C ILE A 140 -5.15 -1.07 10.72
N CYS A 141 -3.90 -0.87 10.31
CA CYS A 141 -3.54 0.40 9.68
C CYS A 141 -4.22 0.58 8.32
N ASN A 142 -4.33 -0.51 7.54
CA ASN A 142 -5.11 -0.43 6.30
C ASN A 142 -6.55 -0.02 6.59
N GLY A 143 -7.12 -0.55 7.67
CA GLY A 143 -8.47 -0.17 8.06
C GLY A 143 -8.59 1.29 8.43
N VAL A 144 -7.61 1.83 9.15
CA VAL A 144 -7.56 3.27 9.38
C VAL A 144 -7.60 4.03 8.04
N GLY A 145 -6.83 3.58 7.05
CA GLY A 145 -6.84 4.23 5.73
C GLY A 145 -8.18 4.11 5.01
N ILE A 146 -8.80 2.93 5.06
CA ILE A 146 -10.11 2.78 4.41
C ILE A 146 -11.09 3.75 5.06
N ALA A 147 -11.06 3.83 6.39
CA ALA A 147 -11.95 4.74 7.13
C ALA A 147 -11.62 6.20 6.85
N LEU A 148 -10.34 6.53 6.73
CA LEU A 148 -9.95 7.90 6.37
C LEU A 148 -10.51 8.25 5.00
N ALA A 149 -10.30 7.37 4.03
CA ALA A 149 -10.84 7.59 2.69
C ALA A 149 -12.35 7.71 2.71
N GLN A 150 -13.03 6.84 3.43
CA GLN A 150 -14.49 6.93 3.48
C GLN A 150 -14.92 8.27 4.04
N ALA A 151 -14.26 8.75 5.06
CA ALA A 151 -14.64 10.05 5.64
C ALA A 151 -14.42 11.18 4.64
N GLN A 152 -13.30 11.14 3.94
CA GLN A 152 -12.99 12.18 2.95
C GLN A 152 -13.97 12.12 1.79
N PHE A 153 -14.26 10.89 1.34
CA PHE A 153 -15.16 10.66 0.23
C PHE A 153 -16.56 11.14 0.57
N ALA A 154 -17.05 10.77 1.75
CA ALA A 154 -18.38 11.20 2.21
C ALA A 154 -18.45 12.71 2.33
N ALA A 155 -17.39 13.31 2.90
CA ALA A 155 -17.39 14.77 3.06
C ALA A 155 -17.37 15.48 1.73
N THR A 156 -16.77 14.86 0.72
CA THR A 156 -16.69 15.45 -0.62
C THR A 156 -18.02 15.34 -1.37
N TYR A 157 -18.74 14.22 -1.25
CA TYR A 157 -19.86 13.96 -2.14
C TYR A 157 -21.23 13.98 -1.48
N ASN A 158 -21.35 13.70 -0.18
CA ASN A 158 -22.66 13.62 0.44
C ASN A 158 -23.32 14.99 0.40
N LYS A 159 -24.64 14.97 0.19
CA LYS A 159 -25.48 16.16 0.18
C LYS A 159 -26.72 15.89 1.02
N PRO A 160 -27.46 16.91 1.41
CA PRO A 160 -28.74 16.65 2.08
C PRO A 160 -29.60 15.73 1.23
N ASP A 161 -30.14 14.71 1.89
CA ASP A 161 -30.95 13.63 1.32
C ASP A 161 -30.15 12.71 0.40
N PHE A 162 -28.83 12.87 0.32
CA PHE A 162 -27.98 12.05 -0.54
C PHE A 162 -26.79 11.50 0.24
N PRO A 163 -27.01 10.44 1.07
CA PRO A 163 -25.89 9.75 1.76
C PRO A 163 -25.20 8.79 0.81
N ILE A 164 -24.47 9.38 -0.13
CA ILE A 164 -23.72 8.60 -1.12
C ILE A 164 -22.77 7.64 -0.44
N SER A 165 -22.15 8.09 0.65
CA SER A 165 -21.19 7.27 1.40
C SER A 165 -21.48 7.33 2.88
N ASP A 166 -21.78 6.15 3.49
CA ASP A 166 -22.08 6.10 4.91
C ASP A 166 -21.65 4.75 5.47
N SER A 167 -20.61 4.19 4.91
CA SER A 167 -20.17 2.84 5.27
C SER A 167 -19.15 2.82 6.40
N TYR A 168 -19.03 1.64 6.99
CA TYR A 168 -18.17 1.37 8.12
C TYR A 168 -16.98 0.50 7.69
N THR A 169 -15.96 0.51 8.54
CA THR A 169 -14.75 -0.30 8.38
C THR A 169 -14.59 -1.14 9.62
N TYR A 170 -14.63 -2.46 9.45
CA TYR A 170 -14.57 -3.45 10.52
C TYR A 170 -13.26 -4.16 10.41
N VAL A 171 -12.49 -4.22 11.51
CA VAL A 171 -11.18 -4.85 11.49
C VAL A 171 -11.08 -5.87 12.61
N PHE A 172 -10.60 -7.07 12.28
CA PHE A 172 -10.19 -8.02 13.31
C PHE A 172 -8.69 -7.95 13.47
N LEU A 173 -8.23 -7.98 14.72
CA LEU A 173 -6.80 -7.96 15.00
C LEU A 173 -6.53 -8.78 16.24
N GLY A 174 -5.28 -9.25 16.34
CA GLY A 174 -4.87 -9.99 17.52
C GLY A 174 -3.78 -9.33 18.34
N ASP A 175 -3.26 -10.08 19.31
CA ASP A 175 -2.22 -9.56 20.19
C ASP A 175 -0.99 -9.15 19.39
N GLY A 176 -0.65 -9.94 18.38
CA GLY A 176 0.51 -9.63 17.56
C GLY A 176 0.40 -8.27 16.93
N CYS A 177 -0.76 -7.99 16.34
CA CYS A 177 -0.96 -6.67 15.73
C CYS A 177 -0.83 -5.55 16.76
N LEU A 178 -1.29 -5.78 17.99
CA LEU A 178 -1.22 -4.78 19.06
C LEU A 178 0.19 -4.57 19.57
N MET A 179 1.08 -5.54 19.37
CA MET A 179 2.48 -5.37 19.76
C MET A 179 3.30 -4.64 18.71
N GLU A 180 2.92 -4.74 17.43
CA GLU A 180 3.67 -4.12 16.33
C GLU A 180 3.51 -2.61 16.41
N GLY A 181 4.61 -1.90 16.41
CA GLY A 181 4.56 -0.46 16.55
C GLY A 181 3.71 0.23 15.49
N VAL A 182 3.67 -0.31 14.27
CA VAL A 182 2.89 0.35 13.23
C VAL A 182 1.43 0.53 13.66
N SER A 183 0.87 -0.41 14.43
CA SER A 183 -0.53 -0.26 14.83
C SER A 183 -0.70 0.82 15.90
N SER A 184 0.32 1.03 16.73
CA SER A 184 0.27 2.12 17.69
C SER A 184 0.23 3.46 16.97
N GLU A 185 1.10 3.63 15.99
CA GLU A 185 1.10 4.84 15.16
C GLU A 185 -0.28 5.10 14.60
N ALA A 186 -0.84 4.09 13.93
CA ALA A 186 -2.11 4.29 13.25
C ALA A 186 -3.25 4.49 14.22
N SER A 187 -3.18 3.88 15.39
CA SER A 187 -4.24 4.01 16.37
C SER A 187 -4.19 5.38 17.04
N SER A 188 -2.99 5.87 17.35
CA SER A 188 -2.86 7.25 17.82
C SER A 188 -3.48 8.22 16.81
N LEU A 189 -3.10 8.07 15.56
CA LEU A 189 -3.62 8.96 14.54
C LEU A 189 -5.14 8.81 14.35
N ALA A 190 -5.64 7.58 14.33
CA ALA A 190 -7.08 7.38 14.14
C ALA A 190 -7.88 7.99 15.27
N GLY A 191 -7.37 7.93 16.49
CA GLY A 191 -8.03 8.58 17.61
C GLY A 191 -8.05 10.09 17.45
N HIS A 192 -6.89 10.64 17.09
CA HIS A 192 -6.80 12.07 16.82
C HIS A 192 -7.82 12.48 15.75
N LEU A 193 -7.95 11.69 14.68
CA LEU A 193 -8.85 11.98 13.57
C LEU A 193 -10.31 11.63 13.84
N GLN A 194 -10.64 11.16 15.05
CA GLN A 194 -12.04 10.99 15.50
C GLN A 194 -12.82 10.10 14.54
N LEU A 195 -12.19 9.03 14.06
CA LEU A 195 -12.76 8.23 12.97
C LEU A 195 -13.84 7.27 13.49
N GLY A 196 -15.05 7.81 13.66
CA GLY A 196 -16.13 7.06 14.24
C GLY A 196 -16.73 5.98 13.37
N ASN A 197 -16.34 5.89 12.09
N ASN A 197 -16.28 5.92 12.09
CA ASN A 197 -16.81 4.78 11.28
CA ASN A 197 -16.65 4.91 11.10
C ASN A 197 -15.74 3.70 11.15
C ASN A 197 -15.82 3.63 11.24
N LEU A 198 -14.81 3.65 12.11
CA LEU A 198 -13.90 2.53 12.28
C LEU A 198 -14.26 1.75 13.55
N ILE A 199 -14.43 0.43 13.40
CA ILE A 199 -14.75 -0.44 14.51
C ILE A 199 -13.77 -1.60 14.43
N ALA A 200 -12.88 -1.70 15.39
CA ALA A 200 -11.89 -2.75 15.45
C ALA A 200 -12.22 -3.71 16.58
N PHE A 201 -11.82 -4.96 16.40
CA PHE A 201 -12.11 -6.04 17.34
C PHE A 201 -10.81 -6.73 17.70
N TRP A 202 -10.44 -6.64 18.97
CA TRP A 202 -9.27 -7.32 19.49
C TRP A 202 -9.63 -8.71 19.94
N ASP A 203 -8.99 -9.71 19.33
CA ASP A 203 -9.10 -11.09 19.76
C ASP A 203 -8.24 -11.30 21.01
N ASP A 204 -8.87 -11.08 22.17
CA ASP A 204 -8.17 -11.12 23.45
C ASP A 204 -8.19 -12.57 23.95
N ASN A 205 -7.24 -13.37 23.46
CA ASN A 205 -7.19 -14.79 23.77
C ASN A 205 -5.94 -15.21 24.55
N LYS A 206 -5.09 -14.24 24.92
CA LYS A 206 -3.98 -14.41 25.86
C LYS A 206 -2.91 -15.35 25.35
N ILE A 207 -2.90 -15.65 24.06
CA ILE A 207 -1.95 -16.59 23.48
C ILE A 207 -1.29 -15.96 22.28
N SER A 208 0.03 -16.02 22.23
CA SER A 208 0.75 -15.69 21.02
C SER A 208 1.59 -16.92 20.66
N ILE A 209 2.46 -16.79 19.66
CA ILE A 209 3.25 -17.95 19.25
C ILE A 209 4.12 -18.47 20.39
N ASP A 210 4.77 -17.57 21.13
CA ASP A 210 5.71 -18.06 22.14
C ASP A 210 5.01 -18.69 23.33
N GLY A 211 3.71 -18.47 23.46
CA GLY A 211 2.99 -18.96 24.63
C GLY A 211 2.08 -17.88 25.19
N SER A 212 1.88 -17.87 26.51
CA SER A 212 1.04 -16.86 27.11
C SER A 212 1.54 -15.46 26.78
N THR A 213 0.61 -14.52 26.63
CA THR A 213 0.99 -13.11 26.56
C THR A 213 1.60 -12.63 27.86
N GLU A 214 1.48 -13.37 28.95
CA GLU A 214 2.12 -12.95 30.18
C GLU A 214 3.62 -12.85 30.07
N VAL A 215 4.25 -13.53 29.09
CA VAL A 215 5.69 -13.51 29.04
C VAL A 215 6.23 -12.27 28.35
N ALA A 216 5.41 -11.51 27.61
CA ALA A 216 5.95 -10.35 26.90
C ALA A 216 4.97 -9.24 26.68
N PHE A 217 3.71 -9.35 27.11
CA PHE A 217 2.67 -8.41 26.67
C PHE A 217 1.67 -8.27 27.81
N THR A 218 2.06 -7.48 28.81
CA THR A 218 1.28 -7.31 30.02
C THR A 218 0.72 -5.91 30.17
N GLU A 219 0.89 -5.05 29.16
CA GLU A 219 0.34 -3.71 29.20
C GLU A 219 -1.18 -3.73 29.29
N ASP A 220 -1.73 -2.61 29.78
CA ASP A 220 -3.17 -2.39 29.85
C ASP A 220 -3.60 -1.82 28.50
N VAL A 221 -3.91 -2.73 27.58
CA VAL A 221 -4.30 -2.37 26.21
C VAL A 221 -5.46 -1.38 26.21
N ILE A 222 -6.46 -1.66 27.05
CA ILE A 222 -7.67 -0.84 27.06
C ILE A 222 -7.34 0.58 27.48
N ALA A 223 -6.52 0.74 28.52
CA ALA A 223 -6.11 2.06 28.96
C ALA A 223 -5.32 2.78 27.87
N ARG A 224 -4.45 2.06 27.16
CA ARG A 224 -3.72 2.68 26.06
C ARG A 224 -4.68 3.19 24.98
N TYR A 225 -5.64 2.36 24.58
CA TYR A 225 -6.55 2.80 23.55
C TYR A 225 -7.42 3.96 24.03
N LYS A 226 -7.78 4.00 25.30
CA LYS A 226 -8.47 5.19 25.80
C LYS A 226 -7.55 6.42 25.71
N SER A 227 -6.24 6.24 25.94
CA SER A 227 -5.31 7.37 25.87
C SER A 227 -5.22 7.95 24.47
N TYR A 228 -5.47 7.13 23.43
CA TYR A 228 -5.55 7.62 22.06
C TYR A 228 -6.87 8.31 21.73
N GLY A 229 -7.86 8.22 22.61
CA GLY A 229 -9.19 8.75 22.33
C GLY A 229 -10.13 7.77 21.67
N TRP A 230 -9.87 6.48 21.77
CA TRP A 230 -10.82 5.50 21.28
C TRP A 230 -11.91 5.24 22.31
N HIS A 231 -13.08 4.88 21.80
CA HIS A 231 -14.15 4.29 22.60
C HIS A 231 -13.86 2.81 22.79
N ILE A 232 -14.32 2.25 23.91
CA ILE A 232 -14.10 0.85 24.26
C ILE A 232 -15.43 0.18 24.51
N VAL A 233 -15.62 -1.03 23.95
CA VAL A 233 -16.68 -1.94 24.41
C VAL A 233 -16.04 -3.27 24.73
N GLU A 234 -16.31 -3.83 25.90
CA GLU A 234 -15.77 -5.13 26.28
C GLU A 234 -16.86 -6.20 26.22
N VAL A 235 -16.54 -7.31 25.56
CA VAL A 235 -17.41 -8.49 25.45
C VAL A 235 -16.72 -9.60 26.22
N SER A 236 -17.20 -9.88 27.43
CA SER A 236 -16.46 -10.80 28.29
C SER A 236 -16.59 -12.26 27.83
N ASP A 237 -17.67 -12.62 27.11
CA ASP A 237 -17.80 -13.98 26.58
C ASP A 237 -18.05 -13.94 25.07
N ALA A 238 -16.98 -13.68 24.33
CA ALA A 238 -17.10 -13.66 22.89
C ALA A 238 -17.04 -15.04 22.28
N ASP A 239 -16.91 -16.10 23.11
CA ASP A 239 -17.02 -17.44 22.58
C ASP A 239 -18.45 -17.80 22.22
N THR A 240 -19.42 -17.24 22.95
CA THR A 240 -20.83 -17.57 22.75
C THR A 240 -21.78 -16.38 22.63
N ASP A 241 -21.43 -15.20 23.14
CA ASP A 241 -22.42 -14.12 23.31
C ASP A 241 -22.45 -13.24 22.05
N ILE A 242 -23.04 -13.79 20.97
CA ILE A 242 -23.14 -13.00 19.74
C ILE A 242 -24.12 -11.83 19.90
N THR A 243 -25.10 -11.92 20.82
CA THR A 243 -25.93 -10.75 21.12
C THR A 243 -25.09 -9.58 21.63
N ALA A 244 -24.14 -9.88 22.51
CA ALA A 244 -23.27 -8.81 23.02
C ALA A 244 -22.34 -8.27 21.93
N ILE A 245 -21.87 -9.13 21.03
CA ILE A 245 -21.03 -8.63 19.94
C ILE A 245 -21.84 -7.69 19.03
N ALA A 246 -23.05 -8.10 18.65
CA ALA A 246 -23.91 -7.22 17.86
C ALA A 246 -24.21 -5.91 18.59
N ALA A 247 -24.48 -5.97 19.91
CA ALA A 247 -24.74 -4.76 20.67
C ALA A 247 -23.52 -3.86 20.73
N ALA A 248 -22.34 -4.46 20.74
CA ALA A 248 -21.10 -3.68 20.76
C ALA A 248 -20.96 -2.91 19.46
N ILE A 249 -21.32 -3.53 18.33
CA ILE A 249 -21.32 -2.83 17.04
C ILE A 249 -22.31 -1.68 17.07
N ASP A 250 -23.52 -1.92 17.62
CA ASP A 250 -24.52 -0.85 17.68
C ASP A 250 -24.02 0.31 18.54
N GLU A 251 -23.38 0.00 19.66
CA GLU A 251 -22.84 1.02 20.53
C GLU A 251 -21.75 1.81 19.83
N ALA A 252 -20.85 1.09 19.15
CA ALA A 252 -19.78 1.76 18.40
C ALA A 252 -20.35 2.76 17.41
N LYS A 253 -21.44 2.38 16.72
CA LYS A 253 -22.04 3.26 15.72
C LYS A 253 -22.65 4.50 16.36
N LYS A 254 -23.13 4.42 17.61
CA LYS A 254 -23.59 5.62 18.30
C LYS A 254 -22.48 6.60 18.63
N VAL A 255 -21.23 6.15 18.71
CA VAL A 255 -20.11 7.01 19.09
C VAL A 255 -19.46 7.47 17.79
N THR A 256 -19.97 8.57 17.24
CA THR A 256 -19.60 9.00 15.90
C THR A 256 -18.28 9.76 15.86
N ASN A 257 -17.72 10.13 17.00
CA ASN A 257 -16.52 10.93 17.04
C ASN A 257 -15.33 10.22 17.64
N LYS A 258 -15.39 8.88 17.76
CA LYS A 258 -14.25 8.11 18.22
C LYS A 258 -14.23 6.78 17.48
N PRO A 259 -13.07 6.31 17.04
CA PRO A 259 -12.99 4.91 16.61
C PRO A 259 -13.22 4.04 17.84
N THR A 260 -13.78 2.83 17.64
CA THR A 260 -14.09 1.94 18.76
C THR A 260 -13.26 0.68 18.69
N LEU A 261 -12.72 0.27 19.84
CA LEU A 261 -12.09 -1.02 20.02
C LEU A 261 -13.03 -1.89 20.84
N VAL A 262 -13.44 -3.01 20.23
CA VAL A 262 -14.25 -4.03 20.89
C VAL A 262 -13.33 -5.14 21.38
N ARG A 263 -13.26 -5.33 22.69
CA ARG A 263 -12.44 -6.38 23.28
C ARG A 263 -13.25 -7.68 23.26
N LEU A 264 -12.81 -8.64 22.47
CA LEU A 264 -13.44 -9.96 22.37
C LEU A 264 -12.64 -10.94 23.22
N THR A 265 -13.14 -11.28 24.39
CA THR A 265 -12.46 -12.27 25.20
C THR A 265 -12.85 -13.66 24.69
N THR A 266 -11.88 -14.37 24.08
CA THR A 266 -12.15 -15.64 23.41
C THR A 266 -11.18 -16.68 23.92
N THR A 267 -11.56 -17.94 23.64
CA THR A 267 -10.70 -19.10 23.83
C THR A 267 -10.09 -19.43 22.49
N ILE A 268 -8.77 -19.28 22.34
CA ILE A 268 -8.16 -19.66 21.08
C ILE A 268 -8.43 -21.15 20.84
N GLY A 269 -8.76 -21.52 19.62
CA GLY A 269 -9.03 -22.92 19.36
C GLY A 269 -10.28 -23.46 20.02
N PHE A 270 -11.25 -22.59 20.35
CA PHE A 270 -12.47 -22.98 21.05
C PHE A 270 -13.01 -24.28 20.51
N GLY A 271 -13.20 -25.25 21.42
CA GLY A 271 -13.74 -26.56 21.08
C GLY A 271 -12.68 -27.65 20.93
N SER A 272 -11.47 -27.30 20.49
CA SER A 272 -10.40 -28.27 20.39
C SER A 272 -10.00 -28.80 21.75
N LEU A 273 -9.53 -30.06 21.76
CA LEU A 273 -8.92 -30.60 22.96
C LEU A 273 -7.77 -29.73 23.44
N ALA A 274 -7.14 -29.01 22.50
CA ALA A 274 -6.00 -28.15 22.78
C ALA A 274 -6.39 -26.67 22.83
N GLN A 275 -7.69 -26.39 23.01
CA GLN A 275 -8.13 -25.01 23.14
C GLN A 275 -7.40 -24.30 24.28
N GLY A 276 -7.16 -23.02 24.08
CA GLY A 276 -6.50 -22.24 25.12
C GLY A 276 -5.03 -22.53 25.30
N THR A 277 -4.35 -23.06 24.28
CA THR A 277 -2.92 -23.33 24.33
C THR A 277 -2.26 -22.80 23.05
N HIS A 278 -0.95 -22.58 23.09
CA HIS A 278 -0.32 -22.04 21.88
C HIS A 278 -0.16 -23.09 20.79
N GLY A 279 -0.31 -24.37 21.11
CA GLY A 279 -0.19 -25.37 20.09
C GLY A 279 -1.28 -25.30 19.03
N VAL A 280 -2.46 -24.79 19.39
CA VAL A 280 -3.53 -24.67 18.40
C VAL A 280 -3.41 -23.43 17.56
N HIS A 281 -2.41 -22.56 17.82
CA HIS A 281 -2.29 -21.32 17.06
C HIS A 281 -1.99 -21.59 15.59
N GLY A 282 -0.99 -22.42 15.31
CA GLY A 282 -0.41 -22.47 13.97
C GLY A 282 -0.05 -23.82 13.43
N ALA A 283 -0.74 -24.86 13.88
CA ALA A 283 -0.55 -26.19 13.36
C ALA A 283 -1.89 -26.88 13.17
N PRO A 284 -2.00 -27.77 12.20
CA PRO A 284 -3.22 -28.54 12.02
C PRO A 284 -3.59 -29.33 13.26
N LEU A 285 -4.88 -29.45 13.51
CA LEU A 285 -5.36 -30.28 14.60
C LEU A 285 -5.16 -31.76 14.29
N LYS A 286 -5.07 -32.54 15.37
CA LYS A 286 -5.01 -33.98 15.22
C LYS A 286 -6.35 -34.52 14.72
N ALA A 287 -6.29 -35.67 14.03
CA ALA A 287 -7.50 -36.25 13.44
C ALA A 287 -8.58 -36.51 14.50
N ASP A 288 -8.19 -37.07 15.64
CA ASP A 288 -9.19 -37.36 16.67
C ASP A 288 -9.79 -36.09 17.24
N ASP A 289 -9.01 -35.01 17.28
CA ASP A 289 -9.52 -33.72 17.74
C ASP A 289 -10.61 -33.24 16.79
N ILE A 290 -10.37 -33.33 15.48
CA ILE A 290 -11.38 -32.91 14.51
C ILE A 290 -12.63 -33.77 14.66
N LYS A 291 -12.46 -35.07 14.90
CA LYS A 291 -13.63 -35.93 15.05
C LYS A 291 -14.50 -35.50 16.22
N GLN A 292 -13.89 -35.22 17.38
CA GLN A 292 -14.70 -34.86 18.54
C GLN A 292 -15.30 -33.46 18.39
N LEU A 293 -14.62 -32.57 17.67
CA LEU A 293 -15.22 -31.27 17.37
C LEU A 293 -16.52 -31.44 16.60
N LYS A 294 -16.45 -32.25 15.55
CA LYS A 294 -17.63 -32.46 14.73
C LYS A 294 -18.74 -33.13 15.53
N THR A 295 -18.41 -34.19 16.26
CA THR A 295 -19.49 -34.92 16.92
C THR A 295 -20.17 -34.07 17.98
N LYS A 296 -19.40 -33.29 18.73
CA LYS A 296 -20.09 -32.56 19.79
C LYS A 296 -20.90 -31.38 19.26
N TRP A 297 -20.65 -30.94 18.04
CA TRP A 297 -21.43 -29.87 17.43
C TRP A 297 -22.49 -30.41 16.46
N GLY A 298 -22.67 -31.72 16.39
CA GLY A 298 -23.76 -32.27 15.60
C GLY A 298 -23.42 -32.54 14.16
N PHE A 299 -22.17 -32.50 13.79
CA PHE A 299 -21.70 -32.77 12.45
C PHE A 299 -21.18 -34.19 12.35
N ASN A 300 -21.02 -34.65 11.13
CA ASN A 300 -20.59 -36.02 10.85
C ASN A 300 -19.07 -36.08 10.88
N PRO A 301 -18.44 -36.82 11.81
CA PRO A 301 -16.97 -36.83 11.86
C PRO A 301 -16.34 -37.48 10.66
N GLU A 302 -17.11 -38.21 9.85
CA GLU A 302 -16.64 -38.80 8.62
C GLU A 302 -16.72 -37.88 7.42
N GLU A 303 -17.28 -36.68 7.60
CA GLU A 303 -17.53 -35.74 6.51
C GLU A 303 -16.62 -34.53 6.66
N SER A 304 -16.08 -34.07 5.54
N SER A 304 -16.06 -34.07 5.55
CA SER A 304 -15.31 -32.84 5.49
CA SER A 304 -15.33 -32.82 5.54
C SER A 304 -16.02 -31.81 4.62
C SER A 304 -16.00 -31.81 4.61
N PHE A 305 -15.76 -30.53 4.93
CA PHE A 305 -16.28 -29.41 4.14
C PHE A 305 -17.80 -29.43 4.07
N ALA A 306 -18.44 -29.74 5.21
CA ALA A 306 -19.90 -29.77 5.28
C ALA A 306 -20.47 -28.36 5.28
N VAL A 307 -21.52 -28.16 4.49
CA VAL A 307 -22.22 -26.89 4.44
C VAL A 307 -23.71 -27.16 4.56
N PRO A 308 -24.28 -27.03 5.74
CA PRO A 308 -25.73 -27.20 5.87
C PRO A 308 -26.48 -26.16 5.06
N ALA A 309 -27.49 -26.62 4.31
CA ALA A 309 -28.24 -25.70 3.46
C ALA A 309 -28.97 -24.64 4.25
N GLU A 310 -29.30 -24.92 5.51
N GLU A 310 -29.36 -24.97 5.50
CA GLU A 310 -29.97 -23.90 6.31
CA GLU A 310 -29.91 -23.96 6.40
C GLU A 310 -29.04 -22.72 6.59
C GLU A 310 -29.02 -22.73 6.43
N VAL A 311 -27.72 -22.97 6.60
CA VAL A 311 -26.78 -21.89 6.81
C VAL A 311 -26.66 -21.04 5.55
N THR A 312 -26.45 -21.65 4.39
CA THR A 312 -26.34 -20.80 3.21
C THR A 312 -27.68 -20.14 2.89
N ALA A 313 -28.81 -20.74 3.25
CA ALA A 313 -30.09 -20.06 3.03
C ALA A 313 -30.20 -18.82 3.90
N SER A 314 -29.85 -18.94 5.17
N SER A 314 -29.83 -18.93 5.18
CA SER A 314 -29.86 -17.80 6.09
CA SER A 314 -29.88 -17.79 6.09
C SER A 314 -28.92 -16.71 5.60
C SER A 314 -28.92 -16.70 5.63
N TYR A 315 -27.74 -17.10 5.16
CA TYR A 315 -26.80 -16.12 4.65
C TYR A 315 -27.31 -15.49 3.36
N ASN A 316 -27.92 -16.30 2.46
N ASN A 316 -28.05 -16.24 2.54
CA ASN A 316 -28.46 -15.82 1.18
CA ASN A 316 -28.66 -15.66 1.37
C ASN A 316 -29.52 -14.75 1.39
C ASN A 316 -29.77 -14.66 1.74
N GLU A 317 -30.29 -14.87 2.48
N GLU A 317 -30.48 -14.87 2.85
CA GLU A 317 -31.27 -13.85 2.81
CA GLU A 317 -31.45 -13.85 3.26
C GLU A 317 -30.59 -12.52 3.10
C GLU A 317 -30.76 -12.50 3.44
N HIS A 318 -29.53 -12.54 3.94
CA HIS A 318 -28.78 -11.31 4.20
C HIS A 318 -28.20 -10.74 2.91
N VAL A 319 -27.69 -11.60 2.04
CA VAL A 319 -27.19 -11.13 0.74
C VAL A 319 -28.32 -10.44 -0.03
N ALA A 320 -29.50 -11.06 -0.04
CA ALA A 320 -30.62 -10.48 -0.78
C ALA A 320 -30.96 -9.10 -0.24
N GLU A 321 -31.04 -8.94 1.08
CA GLU A 321 -31.28 -7.64 1.70
C GLU A 321 -30.20 -6.64 1.29
N ASN A 322 -28.94 -7.08 1.31
CA ASN A 322 -27.85 -6.20 0.94
C ASN A 322 -27.93 -5.80 -0.54
N GLN A 323 -28.33 -6.74 -1.40
CA GLN A 323 -28.48 -6.44 -2.82
C GLN A 323 -29.60 -5.44 -3.07
N LYS A 324 -30.67 -5.52 -2.27
CA LYS A 324 -31.72 -4.52 -2.32
C LYS A 324 -31.19 -3.16 -1.89
N ILE A 325 -30.34 -3.14 -0.86
CA ILE A 325 -29.75 -1.89 -0.41
C ILE A 325 -28.87 -1.30 -1.52
N GLN A 326 -28.08 -2.13 -2.20
CA GLN A 326 -27.25 -1.60 -3.29
C GLN A 326 -28.12 -1.12 -4.46
N GLN A 327 -29.20 -1.85 -4.78
CA GLN A 327 -30.12 -1.41 -5.83
C GLN A 327 -30.68 -0.02 -5.51
N GLN A 328 -31.10 0.18 -4.26
N GLN A 328 -31.07 0.20 -4.24
CA GLN A 328 -31.58 1.50 -3.86
CA GLN A 328 -31.58 1.49 -3.82
C GLN A 328 -30.46 2.54 -3.94
C GLN A 328 -30.50 2.57 -3.78
N TRP A 329 -29.26 2.17 -3.51
CA TRP A 329 -28.12 3.08 -3.61
C TRP A 329 -27.88 3.49 -5.06
N ASN A 330 -28.00 2.54 -5.99
CA ASN A 330 -27.83 2.88 -7.39
C ASN A 330 -28.88 3.89 -7.84
N GLU A 331 -30.12 3.77 -7.33
CA GLU A 331 -31.14 4.77 -7.68
C GLU A 331 -30.85 6.10 -7.00
N LEU A 332 -30.36 6.06 -5.76
CA LEU A 332 -29.94 7.28 -5.09
C LEU A 332 -28.87 8.00 -5.91
N PHE A 333 -27.90 7.25 -6.42
CA PHE A 333 -26.82 7.81 -7.22
C PHE A 333 -27.35 8.37 -8.54
N ALA A 334 -28.29 7.66 -9.17
CA ALA A 334 -28.91 8.19 -10.39
C ALA A 334 -29.61 9.50 -10.11
N ALA A 335 -30.32 9.60 -8.99
CA ALA A 335 -31.00 10.85 -8.66
C ALA A 335 -30.00 11.94 -8.31
N TYR A 336 -28.89 11.56 -7.70
CA TYR A 336 -27.84 12.52 -7.38
C TYR A 336 -27.28 13.13 -8.65
N LYS A 337 -27.05 12.31 -9.67
CA LYS A 337 -26.47 12.81 -10.91
C LYS A 337 -27.42 13.74 -11.62
N GLN A 338 -28.72 13.54 -11.43
CA GLN A 338 -29.72 14.48 -11.95
C GLN A 338 -29.67 15.81 -11.23
N LYS A 339 -29.54 15.79 -9.92
CA LYS A 339 -29.60 17.01 -9.13
C LYS A 339 -28.27 17.76 -9.13
N TYR A 340 -27.16 17.03 -9.22
CA TYR A 340 -25.80 17.59 -9.10
C TYR A 340 -24.99 17.03 -10.26
N PRO A 341 -25.25 17.50 -11.48
CA PRO A 341 -24.68 16.84 -12.66
C PRO A 341 -23.16 16.83 -12.65
N GLU A 342 -22.57 17.88 -12.11
CA GLU A 342 -21.12 18.05 -12.13
C GLU A 342 -20.46 17.07 -11.16
N LEU A 343 -20.88 17.13 -9.91
CA LEU A 343 -20.37 16.20 -8.91
C LEU A 343 -20.69 14.78 -9.29
N GLY A 344 -21.90 14.54 -9.82
CA GLY A 344 -22.27 13.19 -10.20
C GLY A 344 -21.42 12.63 -11.31
N ALA A 345 -21.06 13.47 -12.28
CA ALA A 345 -20.22 13.02 -13.37
C ALA A 345 -18.80 12.77 -12.87
N GLU A 346 -18.33 13.62 -11.96
CA GLU A 346 -17.04 13.39 -11.33
C GLU A 346 -17.04 12.05 -10.60
N LEU A 347 -18.07 11.80 -9.81
CA LEU A 347 -18.13 10.54 -9.07
C LEU A 347 -18.20 9.35 -10.01
N GLN A 348 -19.03 9.43 -11.07
CA GLN A 348 -19.10 8.33 -12.01
C GLN A 348 -17.75 8.05 -12.65
N ARG A 349 -17.04 9.11 -13.05
CA ARG A 349 -15.72 8.96 -13.65
C ARG A 349 -14.78 8.22 -12.70
N ARG A 350 -14.79 8.64 -11.45
CA ARG A 350 -13.91 8.02 -10.46
C ARG A 350 -14.27 6.55 -10.26
N LEU A 351 -15.56 6.25 -10.20
CA LEU A 351 -15.96 4.85 -10.01
C LEU A 351 -15.66 3.99 -11.23
N ASP A 352 -15.58 4.61 -12.41
CA ASP A 352 -15.14 3.93 -13.61
C ASP A 352 -13.63 3.77 -13.69
N GLY A 353 -12.87 4.36 -12.78
CA GLY A 353 -11.43 4.19 -12.76
C GLY A 353 -10.70 5.11 -13.67
N LYS A 354 -11.28 6.24 -14.02
CA LYS A 354 -10.75 7.12 -15.05
C LYS A 354 -10.41 8.47 -14.46
N LEU A 355 -9.23 8.97 -14.80
CA LEU A 355 -8.82 10.33 -14.46
C LEU A 355 -9.57 11.36 -15.32
N PRO A 356 -9.57 12.63 -14.90
CA PRO A 356 -10.17 13.68 -15.72
C PRO A 356 -9.53 13.74 -17.09
N GLU A 357 -10.36 14.00 -18.10
CA GLU A 357 -9.88 14.17 -19.47
C GLU A 357 -8.82 15.26 -19.51
N ASN A 358 -7.69 14.92 -20.13
CA ASN A 358 -6.59 15.87 -20.34
C ASN A 358 -6.08 16.47 -19.03
N TRP A 359 -6.17 15.73 -17.91
CA TRP A 359 -5.67 16.26 -16.65
C TRP A 359 -4.20 16.64 -16.76
N ASP A 360 -3.45 15.91 -17.58
CA ASP A 360 -2.01 16.08 -17.67
C ASP A 360 -1.64 17.38 -18.35
N LYS A 361 -2.60 18.11 -18.91
CA LYS A 361 -2.28 19.44 -19.42
C LYS A 361 -1.88 20.39 -18.30
N ALA A 362 -2.18 20.03 -17.07
CA ALA A 362 -1.80 20.83 -15.92
C ALA A 362 -0.34 20.65 -15.52
N LEU A 363 0.35 19.64 -16.05
CA LEU A 363 1.73 19.39 -15.64
C LEU A 363 2.64 20.51 -16.11
N PRO A 364 3.48 21.04 -15.23
CA PRO A 364 4.48 22.07 -15.62
C PRO A 364 5.48 21.53 -16.62
N VAL A 365 5.90 22.41 -17.53
CA VAL A 365 6.90 22.09 -18.56
C VAL A 365 7.97 23.16 -18.50
N TYR A 366 9.23 22.75 -18.61
CA TYR A 366 10.38 23.60 -18.45
C TYR A 366 11.23 23.57 -19.72
N THR A 367 12.10 24.56 -19.84
CA THR A 367 13.10 24.59 -20.90
C THR A 367 14.45 24.87 -20.27
N PRO A 368 15.53 24.71 -21.05
CA PRO A 368 16.86 24.98 -20.48
C PRO A 368 17.10 26.45 -20.15
N ALA A 369 16.21 27.35 -20.55
CA ALA A 369 16.33 28.74 -20.14
C ALA A 369 15.79 29.01 -18.76
N ASP A 370 15.08 28.04 -18.16
CA ASP A 370 14.55 28.22 -16.83
C ASP A 370 15.64 28.01 -15.77
N ALA A 371 15.40 28.54 -14.57
CA ALA A 371 16.37 28.45 -13.50
C ALA A 371 16.51 27.02 -12.99
N ALA A 372 17.63 26.79 -12.31
CA ALA A 372 17.82 25.54 -11.60
C ALA A 372 16.88 25.50 -10.42
N VAL A 373 16.37 24.31 -10.11
CA VAL A 373 15.37 24.10 -9.07
C VAL A 373 15.62 22.73 -8.47
N ALA A 374 15.48 22.62 -7.14
CA ALA A 374 15.54 21.32 -6.49
C ALA A 374 14.34 20.49 -6.91
N THR A 375 14.52 19.18 -7.04
CA THR A 375 13.36 18.43 -7.51
C THR A 375 12.31 18.27 -6.42
N LEU A 376 12.65 18.48 -5.13
CA LEU A 376 11.56 18.53 -4.15
C LEU A 376 10.73 19.77 -4.36
N LYS A 377 11.33 20.87 -4.81
CA LYS A 377 10.56 22.09 -5.06
C LYS A 377 9.75 21.95 -6.35
N LEU A 378 10.33 21.33 -7.38
CA LEU A 378 9.55 21.04 -8.57
C LEU A 378 8.35 20.18 -8.25
N SER A 379 8.52 19.20 -7.35
CA SER A 379 7.42 18.37 -6.90
C SER A 379 6.31 19.22 -6.27
N GLU A 380 6.68 20.16 -5.39
CA GLU A 380 5.71 21.10 -4.81
C GLU A 380 4.93 21.81 -5.90
N ILE A 381 5.64 22.29 -6.92
CA ILE A 381 4.98 22.99 -8.03
C ILE A 381 4.01 22.07 -8.77
N VAL A 382 4.41 20.83 -9.04
CA VAL A 382 3.52 19.90 -9.72
C VAL A 382 2.26 19.72 -8.89
N LEU A 383 2.43 19.43 -7.60
CA LEU A 383 1.28 19.18 -6.75
C LEU A 383 0.36 20.38 -6.73
N SER A 384 0.92 21.59 -6.68
N SER A 384 0.92 21.60 -6.68
CA SER A 384 0.11 22.81 -6.67
CA SER A 384 0.10 22.81 -6.69
C SER A 384 -0.73 22.96 -7.95
C SER A 384 -0.76 22.91 -7.94
N LYS A 385 -0.27 22.39 -9.06
CA LYS A 385 -0.99 22.46 -10.32
C LYS A 385 -2.01 21.32 -10.49
N ILE A 386 -1.68 20.11 -10.03
CA ILE A 386 -2.52 18.96 -10.34
C ILE A 386 -3.57 18.66 -9.28
N ILE A 387 -3.31 19.04 -8.02
CA ILE A 387 -4.31 18.82 -6.97
C ILE A 387 -5.60 19.55 -7.31
N PRO A 388 -5.59 20.79 -7.79
CA PRO A 388 -6.87 21.42 -8.19
C PRO A 388 -7.58 20.73 -9.34
N GLU A 389 -6.86 20.04 -10.20
CA GLU A 389 -7.41 19.41 -11.39
C GLU A 389 -7.88 17.98 -11.17
N VAL A 390 -7.42 17.31 -10.12
CA VAL A 390 -7.67 15.88 -9.95
C VAL A 390 -8.17 15.68 -8.53
N PRO A 391 -9.48 15.64 -8.30
CA PRO A 391 -9.98 15.64 -6.91
C PRO A 391 -9.62 14.38 -6.15
N GLU A 392 -9.37 13.27 -6.82
CA GLU A 392 -9.02 12.02 -6.16
C GLU A 392 -7.58 11.98 -5.68
N ILE A 393 -6.79 13.04 -5.86
CA ILE A 393 -5.50 13.14 -5.20
C ILE A 393 -5.72 13.69 -3.79
N ILE A 394 -5.28 12.92 -2.78
CA ILE A 394 -5.10 13.40 -1.42
C ILE A 394 -3.74 12.88 -0.97
N GLY A 395 -3.20 13.47 0.08
CA GLY A 395 -1.93 12.95 0.57
C GLY A 395 -1.48 13.75 1.78
N GLY A 396 -0.26 13.47 2.22
CA GLY A 396 0.25 14.15 3.39
C GLY A 396 1.73 13.93 3.56
N SER A 397 2.23 14.23 4.76
N SER A 397 2.22 14.18 4.76
CA SER A 397 3.63 14.08 5.10
CA SER A 397 3.63 14.00 5.05
C SER A 397 3.75 13.55 6.52
C SER A 397 3.80 13.63 6.51
N ALA A 398 4.86 12.87 6.79
CA ALA A 398 5.16 12.39 8.13
C ALA A 398 5.99 13.44 8.87
N ASP A 399 5.31 14.54 9.19
CA ASP A 399 5.88 15.67 9.94
C ASP A 399 7.08 16.27 9.21
N LEU A 400 7.02 16.31 7.88
CA LEU A 400 8.08 16.98 7.15
C LEU A 400 7.52 17.91 6.08
N THR A 401 6.37 18.48 6.35
CA THR A 401 5.70 19.30 5.34
C THR A 401 6.56 20.49 4.92
N PRO A 402 7.22 21.24 5.82
CA PRO A 402 8.04 22.38 5.39
C PRO A 402 9.33 21.98 4.71
N SER A 403 9.72 20.70 4.80
CA SER A 403 10.92 20.19 4.14
C SER A 403 10.61 19.38 2.89
N ASN A 404 9.56 18.55 2.89
CA ASN A 404 9.18 17.82 1.68
C ASN A 404 8.47 18.71 0.67
N LEU A 405 7.78 19.74 1.17
CA LEU A 405 6.97 20.67 0.35
C LEU A 405 5.83 19.95 -0.36
N THR A 406 4.98 19.30 0.43
CA THR A 406 3.99 18.36 -0.06
C THR A 406 2.56 18.90 0.00
N LYS A 407 2.34 20.11 0.50
CA LYS A 407 1.01 20.67 0.60
C LYS A 407 0.82 21.73 -0.47
N ALA A 408 -0.31 21.66 -1.17
CA ALA A 408 -0.67 22.69 -2.14
C ALA A 408 -1.34 23.86 -1.44
N LYS A 409 -0.86 25.08 -1.70
CA LYS A 409 -1.48 26.26 -1.13
C LYS A 409 -2.94 26.32 -1.52
N GLY A 410 -3.79 26.76 -0.60
CA GLY A 410 -5.21 26.80 -0.88
C GLY A 410 -5.96 25.51 -0.63
N THR A 411 -5.31 24.52 -0.04
CA THR A 411 -6.03 23.33 0.40
C THR A 411 -6.12 23.38 1.91
N VAL A 412 -7.05 22.58 2.42
CA VAL A 412 -7.30 22.45 3.85
C VAL A 412 -6.88 21.06 4.31
N ASP A 413 -6.48 20.98 5.57
CA ASP A 413 -6.02 19.72 6.12
C ASP A 413 -7.22 18.83 6.39
N PHE A 414 -7.00 17.52 6.24
CA PHE A 414 -7.95 16.52 6.67
C PHE A 414 -7.91 16.42 8.19
N GLN A 415 -8.95 16.87 8.85
CA GLN A 415 -9.13 16.85 10.28
C GLN A 415 -10.60 16.79 10.58
N PRO A 416 -10.99 16.30 11.74
CA PRO A 416 -12.39 16.47 12.15
C PRO A 416 -12.69 17.94 12.34
N ALA A 417 -13.85 18.36 11.83
CA ALA A 417 -14.22 19.77 11.94
C ALA A 417 -14.26 20.19 13.38
N ALA A 418 -14.61 19.28 14.28
CA ALA A 418 -14.71 19.59 15.69
C ALA A 418 -13.42 20.18 16.25
N THR A 419 -12.27 19.88 15.64
CA THR A 419 -11.01 20.39 16.15
C THR A 419 -10.73 21.84 15.78
N GLY A 420 -11.42 22.36 14.76
CA GLY A 420 -11.08 23.64 14.20
C GLY A 420 -9.87 23.66 13.31
N LEU A 421 -9.23 22.53 13.06
CA LEU A 421 -7.95 22.52 12.36
C LEU A 421 -8.05 22.11 10.91
N GLY A 422 -9.24 21.70 10.47
CA GLY A 422 -9.44 21.25 9.13
C GLY A 422 -10.85 20.75 8.99
N ASP A 423 -11.06 19.88 8.01
CA ASP A 423 -12.36 19.26 7.81
C ASP A 423 -12.13 17.91 7.17
N TYR A 424 -13.13 17.02 7.27
CA TYR A 424 -12.98 15.74 6.59
C TYR A 424 -12.97 15.88 5.08
N SER A 425 -13.44 17.01 4.53
CA SER A 425 -13.29 17.26 3.10
C SER A 425 -11.88 17.70 2.71
N GLY A 426 -11.01 17.89 3.69
CA GLY A 426 -9.68 18.36 3.41
C GLY A 426 -8.90 17.33 2.65
N ARG A 427 -7.76 17.77 2.10
CA ARG A 427 -7.01 16.93 1.20
C ARG A 427 -5.57 16.70 1.62
N TYR A 428 -5.14 17.27 2.75
CA TYR A 428 -3.77 17.17 3.21
C TYR A 428 -3.77 16.55 4.59
N ILE A 429 -3.04 15.46 4.75
CA ILE A 429 -3.06 14.66 5.98
C ILE A 429 -1.79 14.92 6.78
N ARG A 430 -1.96 15.28 8.05
CA ARG A 430 -0.84 15.44 8.98
C ARG A 430 -0.59 14.10 9.65
N TYR A 431 0.29 13.29 9.05
CA TYR A 431 0.52 11.97 9.60
C TYR A 431 1.32 11.98 10.90
N GLY A 432 2.00 13.09 11.24
CA GLY A 432 2.95 13.05 12.33
C GLY A 432 4.16 12.18 11.96
N VAL A 433 4.96 11.87 12.97
CA VAL A 433 6.22 11.18 12.75
C VAL A 433 5.97 9.68 12.78
N ARG A 434 5.32 9.21 11.71
CA ARG A 434 4.70 7.89 11.68
C ARG A 434 4.84 7.31 10.27
N GLU A 435 6.08 7.12 9.80
CA GLU A 435 6.26 6.71 8.41
C GLU A 435 5.60 5.36 8.10
N HIS A 436 5.79 4.38 8.96
CA HIS A 436 5.27 3.04 8.70
C HIS A 436 3.75 3.06 8.63
N ALA A 437 3.09 3.68 9.61
CA ALA A 437 1.63 3.76 9.51
C ALA A 437 1.18 4.57 8.31
N MET A 438 1.92 5.63 7.96
CA MET A 438 1.57 6.38 6.76
C MET A 438 1.57 5.46 5.54
N GLY A 439 2.60 4.64 5.39
CA GLY A 439 2.64 3.69 4.28
C GLY A 439 1.45 2.74 4.28
N ALA A 440 1.07 2.20 5.45
CA ALA A 440 -0.03 1.24 5.50
C ALA A 440 -1.40 1.93 5.39
N ILE A 441 -1.50 3.15 5.90
CA ILE A 441 -2.71 3.94 5.71
C ILE A 441 -2.87 4.31 4.24
N MET A 442 -1.76 4.65 3.55
CA MET A 442 -1.84 4.91 2.12
C MET A 442 -2.38 3.71 1.38
N ASN A 443 -1.99 2.50 1.81
CA ASN A 443 -2.51 1.28 1.19
C ASN A 443 -4.02 1.17 1.40
N GLY A 444 -4.49 1.54 2.60
CA GLY A 444 -5.91 1.53 2.86
C GLY A 444 -6.70 2.54 2.06
N ILE A 445 -6.14 3.74 1.88
CA ILE A 445 -6.81 4.75 1.06
C ILE A 445 -6.92 4.25 -0.38
N ALA A 446 -5.84 3.67 -0.91
CA ALA A 446 -5.92 3.12 -2.25
C ALA A 446 -6.95 2.00 -2.32
N ALA A 447 -7.00 1.16 -1.29
CA ALA A 447 -7.89 0.00 -1.25
C ALA A 447 -9.34 0.43 -1.24
N PHE A 448 -9.63 1.61 -0.70
CA PHE A 448 -11.00 2.10 -0.68
C PHE A 448 -11.57 2.13 -2.09
N GLY A 449 -10.76 2.50 -3.08
CA GLY A 449 -11.20 2.62 -4.44
C GLY A 449 -11.55 4.05 -4.82
N ALA A 450 -12.58 4.18 -5.67
CA ALA A 450 -12.98 5.49 -6.17
C ALA A 450 -11.80 6.26 -6.78
N ASN A 451 -10.85 5.53 -7.34
CA ASN A 451 -9.71 6.10 -8.07
C ASN A 451 -8.79 6.95 -7.18
N TYR A 452 -8.81 6.80 -5.86
CA TYR A 452 -7.88 7.57 -5.02
C TYR A 452 -6.45 7.34 -5.47
N LYS A 453 -5.72 8.46 -5.65
CA LYS A 453 -4.31 8.46 -6.01
C LYS A 453 -3.65 9.23 -4.87
N ASN A 454 -3.12 8.53 -3.87
CA ASN A 454 -2.73 9.19 -2.64
C ASN A 454 -1.23 9.04 -2.38
N TYR A 455 -0.70 10.04 -1.67
CA TYR A 455 0.74 10.20 -1.55
C TYR A 455 1.15 10.49 -0.11
N GLY A 456 2.43 10.25 0.16
CA GLY A 456 2.96 10.45 1.49
C GLY A 456 4.42 10.88 1.40
N GLY A 457 4.72 11.96 2.10
CA GLY A 457 6.05 12.56 2.05
C GLY A 457 6.90 12.24 3.28
N THR A 458 8.15 11.93 3.03
CA THR A 458 9.17 11.86 4.08
C THR A 458 10.53 11.93 3.41
N PHE A 459 11.59 11.90 4.20
CA PHE A 459 12.92 11.78 3.62
C PHE A 459 13.09 10.38 3.05
N LEU A 460 13.75 10.24 1.91
CA LEU A 460 13.94 8.93 1.31
C LEU A 460 14.52 7.92 2.31
N ASN A 461 15.49 8.33 3.10
CA ASN A 461 16.13 7.38 3.99
C ASN A 461 15.15 6.81 4.99
N PHE A 462 14.06 7.52 5.28
CA PHE A 462 13.11 7.01 6.26
C PHE A 462 11.88 6.37 5.63
N VAL A 463 11.79 6.32 4.30
CA VAL A 463 10.85 5.37 3.70
C VAL A 463 11.16 3.96 4.22
N SER A 464 12.44 3.69 4.52
CA SER A 464 12.85 2.40 5.06
C SER A 464 12.15 2.03 6.36
N TYR A 465 11.78 3.02 7.18
CA TYR A 465 10.98 2.74 8.37
C TYR A 465 9.68 2.06 8.04
N ALA A 466 9.20 2.24 6.83
CA ALA A 466 7.89 1.76 6.38
C ALA A 466 8.00 0.58 5.44
N ALA A 467 9.17 -0.07 5.36
CA ALA A 467 9.38 -1.17 4.42
C ALA A 467 8.31 -2.23 4.51
N GLY A 468 7.83 -2.56 5.72
CA GLY A 468 6.80 -3.59 5.85
C GLY A 468 5.57 -3.29 5.01
N ALA A 469 5.14 -2.03 5.02
CA ALA A 469 3.99 -1.58 4.24
C ALA A 469 4.31 -1.37 2.75
N VAL A 470 5.51 -0.83 2.46
CA VAL A 470 5.89 -0.57 1.06
C VAL A 470 5.86 -1.86 0.26
N ARG A 471 6.42 -2.95 0.81
CA ARG A 471 6.44 -4.18 0.04
C ARG A 471 5.03 -4.68 -0.19
N LEU A 472 4.10 -4.43 0.75
CA LEU A 472 2.70 -4.81 0.53
C LEU A 472 2.03 -3.91 -0.49
N SER A 473 2.42 -2.64 -0.61
CA SER A 473 1.92 -1.84 -1.75
C SER A 473 2.20 -2.53 -3.07
N ALA A 474 3.42 -3.05 -3.21
CA ALA A 474 3.85 -3.73 -4.43
C ALA A 474 3.09 -5.04 -4.63
N LEU A 475 3.04 -5.86 -3.61
CA LEU A 475 2.34 -7.15 -3.68
C LEU A 475 0.84 -6.98 -3.91
N SER A 476 0.26 -5.88 -3.40
CA SER A 476 -1.17 -5.60 -3.51
C SER A 476 -1.53 -4.87 -4.77
N GLU A 477 -0.53 -4.39 -5.53
CA GLU A 477 -0.75 -3.64 -6.77
C GLU A 477 -1.49 -2.34 -6.49
N PHE A 478 -1.06 -1.62 -5.44
CA PHE A 478 -1.75 -0.37 -5.12
C PHE A 478 -0.98 0.82 -5.65
N PRO A 479 -1.63 1.75 -6.34
CA PRO A 479 -0.99 2.97 -6.92
C PRO A 479 -0.89 4.07 -5.87
N ILE A 480 -0.05 3.81 -4.86
CA ILE A 480 0.32 4.81 -3.87
C ILE A 480 1.63 5.46 -4.30
N THR A 481 1.92 6.61 -3.72
CA THR A 481 3.11 7.40 -4.10
C THR A 481 3.84 7.94 -2.90
N TRP A 482 5.13 7.62 -2.78
CA TRP A 482 5.99 8.22 -1.78
C TRP A 482 6.71 9.41 -2.38
N VAL A 483 6.62 10.56 -1.71
CA VAL A 483 7.30 11.79 -2.09
C VAL A 483 8.52 11.82 -1.18
N ALA A 484 9.64 11.29 -1.69
CA ALA A 484 10.78 10.86 -0.88
C ALA A 484 11.94 11.83 -1.10
N THR A 485 12.00 12.85 -0.28
CA THR A 485 12.93 13.94 -0.55
C THR A 485 14.29 13.69 0.12
N HIS A 486 15.23 14.62 -0.11
CA HIS A 486 16.56 14.53 0.50
C HIS A 486 17.22 13.19 0.15
N ASP A 487 17.31 12.95 -1.15
CA ASP A 487 17.57 11.59 -1.65
C ASP A 487 19.00 11.08 -1.50
N SER A 488 20.00 11.91 -1.18
CA SER A 488 21.37 11.44 -1.22
C SER A 488 22.24 12.31 -0.33
N ILE A 489 23.56 12.07 -0.41
CA ILE A 489 24.56 12.93 0.18
C ILE A 489 24.38 14.38 -0.24
N GLY A 490 23.65 14.64 -1.33
CA GLY A 490 23.28 16.00 -1.69
C GLY A 490 22.60 16.82 -0.60
N LEU A 491 21.99 16.15 0.38
CA LEU A 491 21.36 16.87 1.47
C LEU A 491 22.38 17.50 2.40
N GLY A 492 23.61 17.00 2.42
CA GLY A 492 24.69 17.66 3.15
C GLY A 492 24.74 17.38 4.64
N GLU A 493 24.53 18.44 5.42
CA GLU A 493 24.99 18.49 6.82
C GLU A 493 24.28 17.50 7.74
N ASP A 494 23.03 17.09 7.52
CA ASP A 494 22.43 16.12 8.43
C ASP A 494 23.23 14.83 8.51
N GLY A 495 24.01 14.49 7.47
CA GLY A 495 24.98 13.42 7.58
C GLY A 495 24.45 12.00 7.37
N PRO A 496 25.28 11.01 7.70
CA PRO A 496 25.06 9.65 7.19
C PRO A 496 23.85 8.95 7.78
N THR A 497 23.35 9.40 8.93
CA THR A 497 22.09 8.88 9.48
C THR A 497 20.89 9.24 8.62
N HIS A 498 21.04 10.22 7.73
CA HIS A 498 19.96 10.73 6.91
C HIS A 498 20.18 10.46 5.43
N GLN A 499 21.37 10.04 5.02
CA GLN A 499 21.74 9.98 3.60
C GLN A 499 21.53 8.56 3.05
N PRO A 500 20.60 8.34 2.12
CA PRO A 500 20.42 7.01 1.53
C PRO A 500 21.65 6.48 0.81
N ILE A 501 21.89 5.20 0.99
CA ILE A 501 22.90 4.46 0.21
C ILE A 501 22.28 3.24 -0.43
N GLU A 502 21.60 2.44 0.38
CA GLU A 502 21.00 1.16 0.01
C GLU A 502 19.57 1.29 -0.48
N THR A 503 18.96 2.46 -0.28
CA THR A 503 17.50 2.56 -0.31
C THR A 503 16.92 2.30 -1.70
N LEU A 504 17.49 2.91 -2.74
CA LEU A 504 16.95 2.67 -4.08
C LEU A 504 17.15 1.23 -4.49
N ALA A 505 18.29 0.63 -4.15
CA ALA A 505 18.52 -0.77 -4.49
C ALA A 505 17.47 -1.67 -3.86
N HIS A 506 17.15 -1.42 -2.58
CA HIS A 506 16.15 -2.17 -1.86
C HIS A 506 14.81 -2.15 -2.57
N PHE A 507 14.36 -0.97 -2.94
CA PHE A 507 13.02 -0.89 -3.51
C PHE A 507 13.01 -1.25 -4.98
N ARG A 508 14.09 -0.99 -5.73
CA ARG A 508 14.16 -1.47 -7.12
C ARG A 508 14.21 -2.99 -7.18
N ALA A 509 14.80 -3.64 -6.18
CA ALA A 509 14.86 -5.10 -6.10
C ALA A 509 13.52 -5.71 -5.69
N THR A 510 12.60 -4.89 -5.20
CA THR A 510 11.28 -5.37 -4.86
C THR A 510 10.43 -5.42 -6.13
N PRO A 511 9.79 -6.54 -6.45
CA PRO A 511 8.94 -6.56 -7.65
C PRO A 511 7.89 -5.47 -7.59
N ASN A 512 7.59 -4.88 -8.75
CA ASN A 512 6.46 -3.97 -8.91
C ASN A 512 6.55 -2.69 -8.08
N ILE A 513 7.74 -2.06 -8.01
CA ILE A 513 7.86 -0.70 -7.51
C ILE A 513 8.55 0.16 -8.57
N SER A 514 7.87 1.24 -8.94
N SER A 514 7.85 1.20 -9.00
CA SER A 514 8.39 2.23 -9.84
CA SER A 514 8.44 2.22 -9.84
C SER A 514 9.16 3.24 -8.99
C SER A 514 9.20 3.17 -8.94
N VAL A 515 10.48 3.36 -9.22
CA VAL A 515 11.35 4.19 -8.39
C VAL A 515 11.88 5.29 -9.30
N TRP A 516 11.22 6.43 -9.26
CA TRP A 516 11.57 7.57 -10.10
C TRP A 516 12.61 8.40 -9.40
N ARG A 517 13.63 8.82 -10.14
CA ARG A 517 14.64 9.73 -9.61
C ARG A 517 14.85 10.82 -10.64
N PRO A 518 13.93 11.77 -10.71
CA PRO A 518 13.93 12.71 -11.83
C PRO A 518 15.10 13.66 -11.74
N ALA A 519 15.64 14.02 -12.94
CA ALA A 519 16.79 14.91 -12.99
C ALA A 519 16.45 16.40 -13.03
N ASP A 520 15.25 16.78 -13.48
CA ASP A 520 14.94 18.19 -13.67
C ASP A 520 13.43 18.36 -13.72
N GLY A 521 13.00 19.56 -14.10
CA GLY A 521 11.58 19.87 -14.13
C GLY A 521 10.78 18.95 -15.02
N ASN A 522 11.20 18.77 -16.26
CA ASN A 522 10.40 17.93 -17.13
C ASN A 522 10.32 16.50 -16.62
N GLU A 523 11.44 15.96 -16.11
CA GLU A 523 11.41 14.59 -15.60
C GLU A 523 10.53 14.47 -14.37
N THR A 524 10.48 15.52 -13.55
CA THR A 524 9.64 15.48 -12.35
C THR A 524 8.17 15.44 -12.74
N SER A 525 7.80 16.17 -13.81
CA SER A 525 6.44 16.08 -14.32
C SER A 525 6.13 14.68 -14.88
N ALA A 526 7.07 14.06 -15.60
CA ALA A 526 6.87 12.70 -16.06
C ALA A 526 6.65 11.73 -14.89
N ALA A 527 7.42 11.91 -13.81
CA ALA A 527 7.32 11.01 -12.67
C ALA A 527 5.92 11.08 -12.07
N TYR A 528 5.38 12.30 -11.93
CA TYR A 528 4.03 12.46 -11.41
C TYR A 528 3.00 11.96 -12.40
N LYS A 529 3.24 12.16 -13.72
CA LYS A 529 2.30 11.58 -14.68
C LYS A 529 2.18 10.07 -14.49
N SER A 530 3.30 9.38 -14.32
CA SER A 530 3.31 7.95 -14.08
C SER A 530 2.62 7.59 -12.76
N ALA A 531 2.97 8.31 -11.70
CA ALA A 531 2.45 7.97 -10.37
C ALA A 531 0.93 8.13 -10.28
N ILE A 532 0.39 9.16 -10.92
CA ILE A 532 -1.04 9.46 -10.87
C ILE A 532 -1.83 8.58 -11.84
N GLU A 533 -1.26 8.26 -13.02
CA GLU A 533 -1.93 7.37 -13.96
C GLU A 533 -1.87 5.92 -13.51
N SER A 534 -0.94 5.58 -12.63
CA SER A 534 -0.79 4.20 -12.17
C SER A 534 -2.10 3.64 -11.66
N THR A 535 -2.35 2.39 -12.03
CA THR A 535 -3.47 1.67 -11.47
C THR A 535 -3.06 0.46 -10.66
N HIS A 536 -1.83 -0.06 -10.86
CA HIS A 536 -1.42 -1.31 -10.27
C HIS A 536 -0.01 -1.31 -9.70
N THR A 537 0.66 -0.16 -9.66
CA THR A 537 2.10 -0.12 -9.32
C THR A 537 2.42 1.05 -8.40
N PRO A 538 2.88 0.79 -7.18
CA PRO A 538 3.30 1.89 -6.31
C PRO A 538 4.54 2.58 -6.86
N HIS A 539 4.63 3.86 -6.50
CA HIS A 539 5.70 4.75 -6.91
C HIS A 539 6.43 5.32 -5.71
N ILE A 540 7.75 5.43 -5.86
CA ILE A 540 8.60 6.18 -4.94
C ILE A 540 9.31 7.23 -5.79
N LEU A 541 9.12 8.51 -5.45
CA LEU A 541 9.76 9.62 -6.16
C LEU A 541 10.91 10.12 -5.30
N ALA A 542 12.14 9.83 -5.73
CA ALA A 542 13.36 10.24 -5.04
C ALA A 542 13.74 11.64 -5.51
N LEU A 543 13.70 12.61 -4.58
CA LEU A 543 13.78 14.03 -4.90
C LEU A 543 14.90 14.70 -4.15
N THR A 544 15.46 15.75 -4.74
CA THR A 544 16.65 16.38 -4.19
C THR A 544 16.31 17.58 -3.33
N ARG A 545 17.17 17.80 -2.32
CA ARG A 545 17.27 19.06 -1.62
C ARG A 545 17.97 20.12 -2.45
N GLN A 546 19.00 19.74 -3.20
CA GLN A 546 19.86 20.70 -3.89
C GLN A 546 19.30 21.06 -5.27
N ASN A 547 19.64 22.25 -5.74
CA ASN A 547 19.16 22.73 -7.03
C ASN A 547 19.84 22.02 -8.18
N LEU A 548 19.06 21.70 -9.21
CA LEU A 548 19.55 21.05 -10.42
C LEU A 548 19.16 21.85 -11.64
N PRO A 549 20.02 21.89 -12.68
CA PRO A 549 19.70 22.68 -13.87
C PRO A 549 18.63 22.01 -14.72
N GLN A 550 17.86 22.81 -15.44
CA GLN A 550 17.01 22.28 -16.50
C GLN A 550 17.89 21.76 -17.64
N LEU A 551 17.63 20.54 -18.06
CA LEU A 551 18.50 19.85 -19.01
C LEU A 551 18.10 20.16 -20.44
N GLU A 552 19.10 20.40 -21.30
CA GLU A 552 18.85 20.37 -22.72
C GLU A 552 18.55 18.93 -23.15
N GLY A 553 17.40 18.71 -23.77
CA GLY A 553 17.03 17.38 -24.24
C GLY A 553 16.00 16.64 -23.41
N SER A 554 15.61 17.17 -22.26
CA SER A 554 14.60 16.48 -21.46
C SER A 554 13.21 16.92 -21.90
N SER A 555 12.25 16.05 -21.68
CA SER A 555 10.85 16.34 -21.94
C SER A 555 10.04 15.36 -21.15
N ILE A 556 8.78 15.72 -20.92
CA ILE A 556 7.86 14.79 -20.27
C ILE A 556 7.70 13.55 -21.13
N GLU A 557 7.48 13.72 -22.44
CA GLU A 557 7.29 12.59 -23.34
C GLU A 557 8.46 11.63 -23.28
N LYS A 558 9.69 12.15 -23.37
CA LYS A 558 10.83 11.25 -23.40
C LYS A 558 11.03 10.60 -22.04
N ALA A 559 10.90 11.37 -20.97
CA ALA A 559 11.13 10.79 -19.65
C ALA A 559 10.04 9.79 -19.28
N SER A 560 8.86 9.88 -19.88
N SER A 560 8.87 9.87 -19.91
CA SER A 560 7.81 8.90 -19.59
CA SER A 560 7.79 8.92 -19.67
C SER A 560 8.16 7.50 -20.08
C SER A 560 8.17 7.51 -20.09
N LYS A 561 9.23 7.34 -20.87
CA LYS A 561 9.68 6.03 -21.26
C LYS A 561 10.58 5.38 -20.22
N GLY A 562 10.84 6.06 -19.11
CA GLY A 562 11.62 5.50 -18.00
C GLY A 562 13.12 5.71 -18.20
N GLY A 563 13.59 5.44 -19.42
CA GLY A 563 14.96 5.69 -19.77
C GLY A 563 15.00 6.23 -21.19
N TYR A 564 15.86 7.20 -21.45
CA TYR A 564 15.93 7.79 -22.80
C TYR A 564 17.28 8.39 -23.05
N THR A 565 17.58 8.58 -24.34
CA THR A 565 18.83 9.19 -24.75
C THR A 565 18.70 10.69 -24.60
N LEU A 566 19.46 11.24 -23.66
CA LEU A 566 19.47 12.67 -23.42
C LEU A 566 20.41 13.38 -24.40
N VAL A 567 21.64 12.87 -24.51
CA VAL A 567 22.61 13.38 -25.46
C VAL A 567 22.97 12.22 -26.36
N GLN A 568 22.58 12.33 -27.64
CA GLN A 568 22.86 11.31 -28.63
C GLN A 568 24.20 11.63 -29.28
N GLN A 569 25.07 10.62 -29.31
CA GLN A 569 26.39 10.72 -29.89
C GLN A 569 26.59 9.52 -30.81
N ASP A 570 26.41 9.75 -32.12
CA ASP A 570 26.49 8.64 -33.07
C ASP A 570 27.85 7.95 -33.06
N LYS A 571 28.90 8.66 -32.72
CA LYS A 571 30.24 8.07 -32.71
C LYS A 571 30.75 7.89 -31.29
N ALA A 572 29.87 7.49 -30.38
CA ALA A 572 30.26 7.46 -28.96
C ALA A 572 31.35 6.46 -28.67
N ASP A 573 32.37 6.91 -27.93
CA ASP A 573 33.34 6.03 -27.31
C ASP A 573 32.79 5.42 -26.02
N ILE A 574 31.82 6.10 -25.40
CA ILE A 574 31.22 5.64 -24.16
C ILE A 574 29.86 6.28 -24.05
N ILE A 575 28.94 5.58 -23.39
CA ILE A 575 27.66 6.15 -22.97
C ILE A 575 27.70 6.19 -21.45
N ILE A 576 27.36 7.34 -20.88
CA ILE A 576 27.18 7.47 -19.43
C ILE A 576 25.69 7.43 -19.15
N VAL A 577 25.25 6.47 -18.32
CA VAL A 577 23.85 6.38 -17.92
C VAL A 577 23.78 6.84 -16.46
N ALA A 578 22.84 7.74 -16.18
CA ALA A 578 22.76 8.34 -14.85
C ALA A 578 21.29 8.60 -14.51
N THR A 579 21.08 8.97 -13.25
CA THR A 579 19.75 9.33 -12.77
C THR A 579 19.85 10.61 -11.97
N GLY A 580 18.71 11.28 -11.86
CA GLY A 580 18.57 12.36 -10.90
C GLY A 580 19.66 13.40 -10.99
N SER A 581 20.21 13.76 -9.84
CA SER A 581 21.25 14.76 -9.75
C SER A 581 22.51 14.37 -10.52
N GLU A 582 22.69 13.11 -10.86
CA GLU A 582 23.93 12.72 -11.55
C GLU A 582 23.81 12.85 -13.06
N VAL A 583 22.63 13.16 -13.60
CA VAL A 583 22.52 13.39 -15.05
C VAL A 583 23.27 14.66 -15.43
N SER A 584 23.04 15.75 -14.69
CA SER A 584 23.76 16.99 -14.96
C SER A 584 25.26 16.78 -14.81
N LEU A 585 25.65 15.98 -13.82
CA LEU A 585 27.05 15.65 -13.62
C LEU A 585 27.62 14.91 -14.82
N ALA A 586 26.88 13.93 -15.34
CA ALA A 586 27.26 13.21 -16.55
C ALA A 586 27.44 14.14 -17.75
N VAL A 587 26.55 15.12 -17.90
CA VAL A 587 26.68 16.09 -19.00
C VAL A 587 27.95 16.92 -18.81
N ASP A 588 28.24 17.35 -17.59
CA ASP A 588 29.47 18.10 -17.37
C ASP A 588 30.69 17.23 -17.63
N ALA A 589 30.61 15.93 -17.31
CA ALA A 589 31.71 15.01 -17.55
C ALA A 589 31.91 14.83 -19.06
N LEU A 590 30.82 14.86 -19.81
CA LEU A 590 30.91 14.78 -21.27
C LEU A 590 31.76 15.94 -21.80
N LYS A 591 31.56 17.13 -21.25
CA LYS A 591 32.36 18.28 -21.68
C LYS A 591 33.83 18.10 -21.36
N VAL A 592 34.14 17.57 -20.15
CA VAL A 592 35.54 17.29 -19.82
C VAL A 592 36.14 16.28 -20.79
N LEU A 593 35.39 15.23 -21.09
CA LEU A 593 35.87 14.17 -21.96
C LEU A 593 36.15 14.70 -23.36
N GLU A 594 35.32 15.64 -23.82
CA GLU A 594 35.51 16.22 -25.15
C GLU A 594 36.91 16.82 -25.25
N GLY A 595 37.36 17.51 -24.21
CA GLY A 595 38.70 18.05 -24.19
C GLY A 595 39.80 17.02 -24.12
N GLN A 596 39.48 15.79 -23.76
CA GLN A 596 40.43 14.70 -23.75
C GLN A 596 40.34 13.85 -25.01
N GLY A 597 39.55 14.28 -25.99
CA GLY A 597 39.37 13.52 -27.23
C GLY A 597 38.43 12.35 -27.14
N ILE A 598 37.53 12.33 -26.16
CA ILE A 598 36.63 11.22 -25.95
C ILE A 598 35.20 11.71 -26.16
N LYS A 599 34.46 11.00 -27.00
CA LYS A 599 33.07 11.35 -27.31
C LYS A 599 32.14 10.51 -26.46
N ALA A 600 31.25 11.17 -25.74
CA ALA A 600 30.32 10.47 -24.87
C ALA A 600 28.89 10.82 -25.25
N GLY A 601 28.00 9.82 -25.07
CA GLY A 601 26.58 10.05 -25.03
C GLY A 601 26.12 9.99 -23.59
N VAL A 602 24.92 10.51 -23.35
CA VAL A 602 24.31 10.45 -22.01
C VAL A 602 22.91 9.89 -22.12
N VAL A 603 22.61 8.92 -21.26
CA VAL A 603 21.28 8.36 -21.07
C VAL A 603 20.80 8.77 -19.68
N SER A 604 19.56 9.24 -19.61
CA SER A 604 18.90 9.50 -18.34
C SER A 604 17.93 8.35 -18.08
N LEU A 605 17.96 7.79 -16.87
CA LEU A 605 17.16 6.62 -16.53
C LEU A 605 16.29 6.93 -15.31
N PRO A 606 15.32 7.85 -15.46
CA PRO A 606 14.54 8.26 -14.28
C PRO A 606 13.75 7.15 -13.64
N ASP A 607 13.29 6.11 -14.36
CA ASP A 607 12.68 4.96 -13.69
C ASP A 607 13.08 3.66 -14.36
N GLN A 608 13.78 2.81 -13.61
CA GLN A 608 14.23 1.53 -14.16
C GLN A 608 13.05 0.59 -14.49
N LEU A 609 12.01 0.56 -13.66
CA LEU A 609 10.90 -0.35 -13.94
C LEU A 609 10.19 0.05 -15.23
N THR A 610 9.85 1.32 -15.38
CA THR A 610 9.20 1.81 -16.61
C THR A 610 10.06 1.50 -17.83
N PHE A 611 11.37 1.77 -17.73
CA PHE A 611 12.28 1.41 -18.82
C PHE A 611 12.22 -0.08 -19.13
N ASP A 612 12.36 -0.93 -18.10
CA ASP A 612 12.35 -2.39 -18.29
C ASP A 612 11.12 -2.87 -19.07
N LYS A 613 9.97 -2.21 -18.89
CA LYS A 613 8.71 -2.60 -19.50
C LYS A 613 8.60 -2.16 -20.95
N GLN A 614 9.51 -1.34 -21.45
CA GLN A 614 9.53 -0.94 -22.85
C GLN A 614 9.93 -2.14 -23.70
N SER A 615 9.71 -1.98 -25.01
CA SER A 615 10.09 -3.04 -25.94
C SER A 615 11.60 -3.25 -25.94
N GLU A 616 12.00 -4.47 -26.27
CA GLU A 616 13.44 -4.75 -26.38
C GLU A 616 14.10 -3.82 -27.40
N GLU A 617 13.43 -3.51 -28.52
CA GLU A 617 14.04 -2.63 -29.51
C GLU A 617 14.21 -1.22 -28.98
N TYR A 618 13.24 -0.70 -28.24
CA TYR A 618 13.40 0.60 -27.62
C TYR A 618 14.58 0.57 -26.65
N LYS A 619 14.62 -0.44 -25.79
CA LYS A 619 15.66 -0.47 -24.76
C LYS A 619 17.03 -0.55 -25.40
N LEU A 620 17.18 -1.36 -26.44
CA LEU A 620 18.44 -1.43 -27.16
C LEU A 620 18.79 -0.13 -27.91
N SER A 621 17.80 0.69 -28.28
CA SER A 621 18.12 1.98 -28.90
C SER A 621 18.74 2.94 -27.89
N VAL A 622 18.40 2.77 -26.61
CA VAL A 622 18.95 3.60 -25.56
C VAL A 622 20.29 3.05 -25.05
N LEU A 623 20.41 1.73 -24.98
CA LEU A 623 21.62 1.08 -24.49
C LEU A 623 22.07 0.07 -25.55
N PRO A 624 22.66 0.58 -26.61
CA PRO A 624 22.97 -0.29 -27.76
C PRO A 624 24.20 -1.14 -27.50
N ASP A 625 24.39 -2.12 -28.38
CA ASP A 625 25.61 -2.87 -28.50
C ASP A 625 26.76 -2.00 -29.00
N GLY A 626 27.97 -2.51 -28.78
CA GLY A 626 29.17 -1.95 -29.36
C GLY A 626 29.71 -0.71 -28.70
N VAL A 627 29.29 -0.36 -27.49
CA VAL A 627 29.85 0.81 -26.85
C VAL A 627 29.86 0.55 -25.34
N PRO A 628 30.99 0.75 -24.66
CA PRO A 628 30.98 0.63 -23.20
C PRO A 628 30.02 1.63 -22.57
N ILE A 629 29.38 1.17 -21.48
CA ILE A 629 28.42 1.99 -20.75
C ILE A 629 28.85 2.06 -19.29
N LEU A 630 28.92 3.28 -18.77
CA LEU A 630 29.27 3.58 -17.38
C LEU A 630 28.04 4.14 -16.68
N SER A 631 27.65 3.55 -15.54
CA SER A 631 26.58 4.18 -14.76
C SER A 631 27.15 5.10 -13.70
N VAL A 632 26.40 6.17 -13.39
CA VAL A 632 26.74 7.14 -12.36
C VAL A 632 25.50 7.45 -11.53
N GLU A 633 25.57 7.15 -10.22
CA GLU A 633 24.49 7.44 -9.28
C GLU A 633 25.10 7.39 -7.89
N VAL A 634 24.91 8.45 -7.10
CA VAL A 634 25.67 8.58 -5.84
C VAL A 634 25.11 7.73 -4.70
N MET A 635 24.86 6.46 -4.96
CA MET A 635 24.44 5.49 -3.95
C MET A 635 24.77 4.11 -4.49
N SER A 636 24.21 3.06 -3.90
CA SER A 636 24.66 1.69 -4.17
C SER A 636 24.77 1.41 -5.66
N THR A 637 25.78 0.65 -6.06
CA THR A 637 25.83 0.16 -7.42
C THR A 637 24.96 -1.07 -7.68
N PHE A 638 24.27 -1.63 -6.67
CA PHE A 638 23.41 -2.78 -6.93
C PHE A 638 22.35 -2.47 -7.97
N GLY A 639 22.12 -3.44 -8.85
CA GLY A 639 21.16 -3.35 -9.94
C GLY A 639 21.72 -2.78 -11.23
N TRP A 640 22.82 -2.05 -11.16
CA TRP A 640 23.23 -1.21 -12.26
C TRP A 640 23.88 -2.01 -13.38
N SER A 641 24.29 -3.24 -13.11
N SER A 641 24.30 -3.24 -13.09
CA SER A 641 24.82 -4.09 -14.17
CA SER A 641 24.81 -4.11 -14.14
C SER A 641 23.74 -4.57 -15.14
C SER A 641 23.76 -4.39 -15.21
N LYS A 642 22.47 -4.27 -14.87
CA LYS A 642 21.45 -4.48 -15.88
C LYS A 642 21.61 -3.53 -17.04
N TYR A 643 22.23 -2.37 -16.80
CA TYR A 643 22.23 -1.26 -17.75
C TYR A 643 23.62 -0.78 -18.17
N SER A 644 24.67 -1.25 -17.52
CA SER A 644 26.03 -0.71 -17.69
C SER A 644 27.03 -1.83 -17.58
N HIS A 645 28.23 -1.57 -18.15
CA HIS A 645 29.37 -2.46 -18.01
C HIS A 645 30.20 -2.15 -16.78
N GLN A 646 30.32 -0.89 -16.43
CA GLN A 646 31.05 -0.46 -15.25
C GLN A 646 30.16 0.49 -14.48
N GLN A 647 30.33 0.51 -13.15
CA GLN A 647 29.43 1.27 -12.26
C GLN A 647 30.23 2.18 -11.33
N PHE A 648 29.91 3.46 -11.37
CA PHE A 648 30.47 4.43 -10.44
C PHE A 648 29.35 4.81 -9.48
N GLY A 649 29.44 4.32 -8.25
CA GLY A 649 28.46 4.65 -7.23
C GLY A 649 29.14 4.85 -5.88
N LEU A 650 28.31 4.88 -4.84
CA LEU A 650 28.75 5.11 -3.46
C LEU A 650 28.27 3.92 -2.62
N ASN A 651 29.21 3.11 -2.15
CA ASN A 651 28.92 1.86 -1.46
C ASN A 651 29.47 1.89 -0.04
N ARG A 652 29.60 3.09 0.50
CA ARG A 652 29.93 3.33 1.90
C ARG A 652 28.94 4.34 2.42
N PHE A 653 28.89 4.49 3.73
CA PHE A 653 28.02 5.52 4.28
C PHE A 653 28.55 6.91 3.96
N GLY A 654 27.66 7.90 4.11
CA GLY A 654 27.96 9.28 3.80
C GLY A 654 28.73 9.99 4.90
N ALA A 655 28.48 11.29 5.02
CA ALA A 655 29.26 12.14 5.89
C ALA A 655 28.48 13.41 6.17
N SER A 656 28.69 13.98 7.34
CA SER A 656 28.13 15.28 7.68
C SER A 656 29.06 16.38 7.18
N GLY A 657 28.60 17.17 6.22
CA GLY A 657 29.35 18.31 5.72
C GLY A 657 28.52 19.01 4.65
N LYS A 658 29.06 20.11 4.14
CA LYS A 658 28.43 20.79 3.03
C LYS A 658 28.43 19.87 1.81
N ALA A 659 27.28 19.76 1.16
CA ALA A 659 27.14 18.76 0.10
C ALA A 659 28.22 18.85 -0.96
N PRO A 660 28.58 20.02 -1.48
CA PRO A 660 29.60 20.04 -2.53
C PRO A 660 30.90 19.45 -2.08
N GLU A 661 31.27 19.63 -0.81
CA GLU A 661 32.49 19.05 -0.30
C GLU A 661 32.41 17.53 -0.20
N ILE A 662 31.22 16.99 0.12
CA ILE A 662 31.05 15.54 0.14
C ILE A 662 31.23 14.99 -1.28
N PHE A 663 30.59 15.63 -2.26
CA PHE A 663 30.72 15.16 -3.64
C PHE A 663 32.19 15.19 -4.07
N LYS A 664 32.91 16.26 -3.71
CA LYS A 664 34.35 16.33 -4.05
C LYS A 664 35.14 15.23 -3.37
N LEU A 665 34.88 14.98 -2.08
CA LEU A 665 35.58 13.92 -1.39
C LEU A 665 35.45 12.57 -2.09
N PHE A 666 34.24 12.23 -2.55
CA PHE A 666 33.98 10.96 -3.20
C PHE A 666 34.19 11.01 -4.71
N GLU A 667 34.68 12.14 -5.24
CA GLU A 667 35.06 12.30 -6.65
C GLU A 667 33.86 12.19 -7.59
N PHE A 668 32.66 12.55 -7.09
CA PHE A 668 31.50 12.76 -7.95
C PHE A 668 31.52 14.20 -8.45
N THR A 669 32.49 14.43 -9.34
CA THR A 669 32.80 15.71 -9.97
C THR A 669 32.92 15.45 -11.46
N PRO A 670 32.87 16.49 -12.29
CA PRO A 670 33.04 16.27 -13.73
C PRO A 670 34.34 15.57 -14.06
N GLU A 671 35.41 15.95 -13.36
CA GLU A 671 36.71 15.34 -13.60
C GLU A 671 36.76 13.90 -13.09
N GLY A 672 36.15 13.61 -11.94
CA GLY A 672 36.19 12.25 -11.41
C GLY A 672 35.41 11.27 -12.25
N VAL A 673 34.25 11.72 -12.76
CA VAL A 673 33.45 10.90 -13.67
C VAL A 673 34.20 10.72 -14.99
N ALA A 674 34.80 11.80 -15.49
CA ALA A 674 35.54 11.69 -16.74
C ALA A 674 36.73 10.73 -16.60
N GLU A 675 37.41 10.75 -15.46
CA GLU A 675 38.50 9.79 -15.25
C GLU A 675 38.01 8.35 -15.32
N ARG A 676 36.87 8.06 -14.70
CA ARG A 676 36.41 6.69 -14.71
C ARG A 676 35.84 6.30 -16.07
N ALA A 677 35.27 7.26 -16.79
CA ALA A 677 34.86 7.01 -18.17
C ALA A 677 36.07 6.70 -19.05
N ALA A 678 37.15 7.48 -18.92
CA ALA A 678 38.34 7.23 -19.70
C ALA A 678 38.95 5.87 -19.36
N LYS A 679 38.96 5.48 -18.08
CA LYS A 679 39.43 4.15 -17.72
C LYS A 679 38.52 3.07 -18.27
N THR A 680 37.20 3.31 -18.35
CA THR A 680 36.29 2.33 -18.91
C THR A 680 36.56 2.14 -20.40
N VAL A 681 36.77 3.24 -21.12
CA VAL A 681 37.11 3.13 -22.54
C VAL A 681 38.41 2.33 -22.71
N ALA A 682 39.42 2.63 -21.89
CA ALA A 682 40.68 1.89 -21.98
C ALA A 682 40.49 0.41 -21.68
N PHE A 683 39.65 0.08 -20.70
CA PHE A 683 39.46 -1.29 -20.27
C PHE A 683 38.97 -2.17 -21.40
N TYR A 684 38.11 -1.62 -22.28
CA TYR A 684 37.49 -2.37 -23.36
C TYR A 684 38.17 -2.12 -24.70
N LYS A 685 39.27 -1.36 -24.71
CA LYS A 685 39.97 -1.07 -25.95
C LYS A 685 40.31 -2.36 -26.67
N GLY A 686 39.92 -2.43 -27.93
CA GLY A 686 40.23 -3.59 -28.72
C GLY A 686 39.37 -4.80 -28.45
N LYS A 687 38.25 -4.63 -27.74
CA LYS A 687 37.32 -5.73 -27.49
C LYS A 687 35.93 -5.35 -27.99
N ASP A 688 35.20 -6.35 -28.46
CA ASP A 688 33.81 -6.13 -28.78
C ASP A 688 33.03 -6.10 -27.47
N VAL A 689 31.99 -5.30 -27.46
CA VAL A 689 31.17 -5.13 -26.28
C VAL A 689 29.74 -5.24 -26.72
N VAL A 690 28.92 -6.00 -25.98
CA VAL A 690 27.51 -6.09 -26.29
C VAL A 690 26.73 -5.41 -25.19
N SER A 691 25.50 -5.02 -25.55
CA SER A 691 24.67 -4.30 -24.60
C SER A 691 24.53 -5.06 -23.29
N PRO A 692 24.56 -4.37 -22.13
CA PRO A 692 24.23 -5.04 -20.87
C PRO A 692 22.84 -5.66 -20.84
N LEU A 693 21.95 -5.22 -21.75
CA LEU A 693 20.60 -5.78 -21.84
C LEU A 693 20.58 -7.22 -22.34
N ARG A 694 21.67 -7.66 -22.98
CA ARG A 694 21.73 -9.02 -23.51
C ARG A 694 21.95 -10.00 -22.39
N SER A 695 21.35 -11.18 -22.51
CA SER A 695 21.53 -12.21 -21.50
C SER A 695 21.46 -13.56 -22.19
N ALA A 696 21.99 -14.57 -21.50
CA ALA A 696 22.07 -15.91 -22.05
C ALA A 696 20.74 -16.63 -21.99
N PHE A 697 19.83 -16.19 -21.13
CA PHE A 697 18.56 -16.86 -20.93
C PHE A 697 17.60 -15.84 -20.33
N1' TPP B . 5.98 -10.64 12.61
C2' TPP B . 5.22 -10.06 11.60
CM2 TPP B . 5.36 -8.60 11.31
N3' TPP B . 4.29 -10.78 10.86
C4' TPP B . 4.20 -12.15 11.15
N4' TPP B . 3.33 -12.90 10.46
C5' TPP B . 4.98 -12.75 12.17
C6' TPP B . 5.88 -11.98 12.91
C7' TPP B . 4.91 -14.22 12.52
N3 TPP B . 3.72 -14.52 13.25
C2 TPP B . 2.57 -15.00 12.66
S1 TPP B . 1.35 -15.25 13.68
C5 TPP B . 2.28 -14.77 14.91
C4 TPP B . 3.56 -14.36 14.58
CM4 TPP B . 4.58 -13.88 15.60
C6 TPP B . 1.62 -14.78 16.23
C7 TPP B . 0.40 -13.91 16.11
O7 TPP B . -0.14 -13.86 17.40
PA TPP B . -1.66 -13.37 17.43
O1A TPP B . -1.99 -13.13 18.89
O2A TPP B . -1.69 -12.20 16.48
O3A TPP B . -2.48 -14.57 16.74
PB TPP B . -3.19 -15.79 17.54
O1B TPP B . -2.11 -16.66 18.18
O2B TPP B . -4.11 -15.32 18.64
O3B TPP B . -3.98 -16.58 16.56
HM21 TPP B . 4.42 -8.09 11.47
HM22 TPP B . 5.67 -8.47 10.27
HM23 TPP B . 6.12 -8.17 11.97
HN41 TPP B . 3.24 -13.89 10.67
HN42 TPP B . 2.77 -12.48 9.73
H6' TPP B . 6.67 -12.48 13.48
H7'1 TPP B . 5.79 -14.48 13.12
H7'2 TPP B . 4.95 -14.80 11.60
H2 TPP B . 2.14 -14.66 11.72
HM41 TPP B . 4.78 -14.67 16.33
HM42 TPP B . 4.19 -13.00 16.11
HM43 TPP B . 5.51 -13.63 15.08
H61 TPP B . 2.30 -14.39 16.99
H62 TPP B . 1.33 -15.79 16.51
H71 TPP B . -0.31 -14.34 15.42
H72 TPP B . 0.67 -12.91 15.77
C1 F6R C . 1.49 -16.68 10.34
C2 F6R C . 2.94 -17.12 10.39
C3 F6R C . 3.28 -18.61 10.34
C4 F6R C . 2.99 -19.33 11.69
C5 F6R C . 4.17 -20.19 12.16
C6 F6R C . 4.36 -21.30 11.10
O1 F6R C . 1.45 -15.35 9.89
O2 F6R C . 3.80 -16.28 10.43
O3 F6R C . 4.62 -18.73 9.99
O4 F6R C . 2.56 -18.38 12.65
O5 F6R C . 5.35 -19.47 12.35
O6 F6R C . 5.67 -21.42 10.67
P F6R C . 6.45 -22.89 10.73
O1P F6R C . 5.49 -24.07 10.70
O2P F6R C . 7.34 -22.99 9.51
O3P F6R C . 7.28 -22.97 11.99
H1C1 F6R C . 1.11 -16.73 11.23
H1C2 F6R C . 1.00 -17.25 9.74
H3 F6R C . 2.74 -19.03 9.65
H4 F6R C . 2.25 -19.92 11.53
H5 F6R C . 3.93 -20.61 13.00
H6C1 F6R C . 3.79 -21.10 10.35
H6C2 F6R C . 4.08 -22.14 11.49
H1 F6R C . 0.86 -14.93 10.33
HA F6R C . 4.74 -18.41 9.21
HB F6R C . 1.74 -18.19 12.51
HC F6R C . 5.30 -19.01 13.07
CA CA D . -3.48 -13.89 20.57
C1 PEG E . -25.57 -29.95 11.50
O1 PEG E . -26.07 -29.46 12.72
C2 PEG E . -26.59 -29.88 10.35
O2 PEG E . -27.75 -30.62 10.63
C3 PEG E . -28.84 -30.42 9.75
C4 PEG E . -30.12 -31.07 10.29
O4 PEG E . -31.14 -30.14 10.60
H11 PEG E . -24.79 -29.43 11.25
H12 PEG E . -25.30 -30.87 11.61
HO1 PEG E . -25.51 -29.62 13.34
H21 PEG E . -26.83 -28.95 10.20
H22 PEG E . -26.18 -30.22 9.55
H31 PEG E . -28.99 -29.47 9.66
H32 PEG E . -28.63 -30.79 8.89
H41 PEG E . -30.46 -31.69 9.63
H42 PEG E . -29.90 -31.56 11.10
HO4 PEG E . -31.35 -30.21 11.43
C1 PEG F . -14.02 -33.91 0.59
O1 PEG F . -13.55 -34.31 -0.67
C2 PEG F . -15.52 -33.64 0.57
O2 PEG F . -15.84 -32.59 -0.30
C3 PEG F . -17.06 -31.96 -0.05
C4 PEG F . -17.62 -31.34 -1.33
O4 PEG F . -16.61 -30.88 -2.17
H11 PEG F . -13.83 -34.61 1.24
H12 PEG F . -13.55 -33.10 0.86
HO1 PEG F . -12.77 -34.63 -0.59
H21 PEG F . -15.81 -33.40 1.47
H22 PEG F . -15.98 -34.44 0.29
H31 PEG F . -17.69 -32.61 0.30
H32 PEG F . -16.93 -31.26 0.62
H41 PEG F . -18.16 -32.00 -1.79
H42 PEG F . -18.19 -30.59 -1.08
HO4 PEG F . -16.95 -30.35 -2.76
C1 PEG G . -19.99 2.26 -11.85
O1 PEG G . -19.02 1.25 -11.91
C2 PEG G . -20.78 2.14 -10.58
O2 PEG G . -21.85 3.06 -10.61
C3 PEG G . -23.14 2.53 -10.52
C4 PEG G . -23.48 1.77 -11.78
O4 PEG G . -24.86 1.51 -11.80
H11 PEG G . -19.55 3.13 -11.87
H12 PEG G . -20.58 2.20 -12.61
HO1 PEG G . -18.89 1.04 -12.72
H21 PEG G . -21.14 1.24 -10.52
H22 PEG G . -20.22 2.32 -9.82
H31 PEG G . -23.18 1.93 -9.76
H32 PEG G . -23.77 3.25 -10.40
H41 PEG G . -23.24 2.29 -12.56
H42 PEG G . -23.00 0.92 -11.79
HO4 PEG G . -25.00 0.68 -11.92
C1 PEG H . -5.11 -3.23 -7.63
O1 PEG H . -6.06 -4.19 -7.98
C2 PEG H . -5.74 -1.84 -7.53
O2 PEG H . -6.70 -1.83 -6.52
C3 PEG H . -7.21 -0.55 -6.30
C4 PEG H . -8.42 -0.56 -5.34
O4 PEG H . -9.52 -1.23 -5.87
H11 PEG H . -4.71 -3.47 -6.78
H12 PEG H . -4.42 -3.22 -8.32
HO1 PEG H . -5.80 -4.61 -8.67
H21 PEG H . -5.05 -1.19 -7.32
H22 PEG H . -6.15 -1.61 -8.37
H31 PEG H . -6.52 0.02 -5.92
H32 PEG H . -7.49 -0.17 -7.14
H41 PEG H . -8.15 -1.00 -4.52
H42 PEG H . -8.67 0.35 -5.15
HO4 PEG H . -10.18 -1.13 -5.34
#